data_4EY5
#
_entry.id   4EY5
#
_cell.length_a   105.222
_cell.length_b   105.222
_cell.length_c   323.289
_cell.angle_alpha   90.00
_cell.angle_beta   90.00
_cell.angle_gamma   120.00
#
_symmetry.space_group_name_H-M   'P 31 2 1'
#
loop_
_entity.id
_entity.type
_entity.pdbx_description
1 polymer Acetylcholinesterase
2 branched 2-acetamido-2-deoxy-beta-D-glucopyranose-(1-4)-[alpha-L-fucopyranose-(1-6)]2-acetamido-2-deoxy-beta-D-glucopyranose
3 non-polymer 'Huperzine A'
4 non-polymer 'DIMETHYL SULFOXIDE'
5 non-polymer 1,2-ETHANEDIOL
6 non-polymer 2-acetamido-2-deoxy-beta-D-glucopyranose
7 non-polymer 'NITRATE ION'
8 water water
#
_entity_poly.entity_id   1
_entity_poly.type   'polypeptide(L)'
_entity_poly.pdbx_seq_one_letter_code
;GREDAELLVTVRGGRLRGIRLKTPGGPVSAFLGIPFAEPPMGPRRFLPPEPKQPWSGVVDATTFQSVCYQYVDTLYPGFE
GTEMWNPNRELSEDCLYLNVWTPYPRPTSPTPVLVWIYGGGFYSGASSLDVYDGRFLVQAERTVLVSMNYRVGAFGFLAL
PGSREAPGNVGLLDQRLALQWVQENVAAFGGDPTSVTLFGESAGAASVGMHLLSPPSRGLFHRAVLQSGAPNGPWATVGM
GEARRRATQLAHLVGCPPGGTGGNDTELVACLRTRPAQVLVNHEWHVLPQESVFRFSFVPVVDGDFLSDTPEALINAGDF
HGLQVLVGVVKDEGSYFLVYGAPGFSKDNESLISRAEFLAGVRVGVPQVSDLAAEAVVLHYTDWLHPEDPARLREALSDV
VGDHNVVCPVAQLAGRLAAQGARVYAYVFEHRASTLSWPLWMGVPHGYEIEFIFGIPLDPSRNYTAEEKIFAQRLMRYWA
NFARTGDPNEPRDPKAPQWPPYTAGAQQYVSLDLRPLEVRRGLRAQACAFWNRFLPKLLSAT
;
_entity_poly.pdbx_strand_id   A,B
#
loop_
_chem_comp.id
_chem_comp.type
_chem_comp.name
_chem_comp.formula
DMS non-polymer 'DIMETHYL SULFOXIDE' 'C2 H6 O S'
EDO non-polymer 1,2-ETHANEDIOL 'C2 H6 O2'
FUC L-saccharide, alpha linking alpha-L-fucopyranose 'C6 H12 O5'
HUP non-polymer 'Huperzine A' 'C15 H18 N2 O'
NAG D-saccharide, beta linking 2-acetamido-2-deoxy-beta-D-glucopyranose 'C8 H15 N O6'
NO3 non-polymer 'NITRATE ION' 'N O3 -1'
#
# COMPACT_ATOMS: atom_id res chain seq x y z
N GLU A 3 -47.57 -49.53 5.30
CA GLU A 3 -46.16 -49.20 5.49
C GLU A 3 -45.53 -48.80 4.15
N ASP A 4 -44.78 -47.70 4.16
CA ASP A 4 -44.15 -47.19 2.95
C ASP A 4 -42.75 -47.76 2.80
N ALA A 5 -42.55 -48.58 1.76
CA ALA A 5 -41.30 -49.31 1.59
C ALA A 5 -40.13 -48.39 1.23
N GLU A 6 -40.44 -47.23 0.67
CA GLU A 6 -39.39 -46.29 0.25
C GLU A 6 -38.67 -45.68 1.45
N LEU A 7 -39.33 -45.71 2.60
CA LEU A 7 -38.82 -45.12 3.82
C LEU A 7 -38.18 -46.15 4.73
N LEU A 8 -37.93 -47.34 4.21
CA LEU A 8 -37.25 -48.38 4.96
C LEU A 8 -35.94 -48.66 4.24
N VAL A 9 -34.83 -48.55 4.98
CA VAL A 9 -33.51 -48.75 4.41
C VAL A 9 -32.70 -49.58 5.39
N THR A 10 -31.86 -50.45 4.86
CA THR A 10 -30.96 -51.23 5.70
C THR A 10 -29.56 -50.77 5.40
N VAL A 11 -28.85 -50.33 6.44
CA VAL A 11 -27.44 -49.97 6.30
C VAL A 11 -26.63 -51.00 7.06
N ARG A 12 -25.31 -50.94 6.94
CA ARG A 12 -24.43 -51.90 7.59
C ARG A 12 -24.72 -52.10 9.08
N GLY A 13 -25.15 -51.06 9.77
CA GLY A 13 -25.37 -51.15 11.19
C GLY A 13 -26.73 -51.72 11.56
N GLY A 14 -27.63 -51.76 10.57
CA GLY A 14 -29.00 -52.16 10.84
C GLY A 14 -30.01 -51.41 10.01
N ARG A 15 -31.26 -51.44 10.49
CA ARG A 15 -32.40 -50.96 9.73
C ARG A 15 -32.85 -49.57 10.17
N LEU A 16 -33.31 -48.77 9.20
CA LEU A 16 -33.76 -47.41 9.46
C LEU A 16 -35.16 -47.15 8.92
N ARG A 17 -35.90 -46.27 9.60
CA ARG A 17 -37.17 -45.79 9.10
C ARG A 17 -37.12 -44.27 8.88
N GLY A 18 -37.33 -43.85 7.64
CA GLY A 18 -37.37 -42.43 7.32
C GLY A 18 -38.75 -41.81 7.28
N ILE A 19 -38.84 -40.65 6.65
CA ILE A 19 -40.05 -39.86 6.63
C ILE A 19 -40.16 -39.18 5.27
N ARG A 20 -41.39 -39.04 4.79
CA ARG A 20 -41.65 -38.38 3.52
C ARG A 20 -41.82 -36.90 3.82
N LEU A 21 -41.15 -36.05 3.04
CA LEU A 21 -41.23 -34.62 3.23
C LEU A 21 -41.86 -33.99 1.99
N LYS A 22 -42.63 -32.92 2.19
CA LYS A 22 -43.25 -32.18 1.10
C LYS A 22 -42.38 -31.01 0.65
N THR A 23 -42.40 -30.72 -0.65
CA THR A 23 -41.85 -29.48 -1.20
C THR A 23 -42.85 -28.99 -2.24
N PRO A 24 -42.73 -27.71 -2.64
CA PRO A 24 -43.57 -27.17 -3.72
C PRO A 24 -43.41 -27.91 -5.05
N GLY A 25 -42.37 -28.72 -5.21
CA GLY A 25 -42.15 -29.44 -6.46
C GLY A 25 -42.39 -30.94 -6.35
N GLY A 26 -42.88 -31.38 -5.19
CA GLY A 26 -43.08 -32.81 -4.98
C GLY A 26 -42.36 -33.34 -3.75
N PRO A 27 -42.60 -34.62 -3.43
CA PRO A 27 -42.03 -35.21 -2.22
C PRO A 27 -40.55 -35.55 -2.30
N VAL A 28 -39.99 -35.83 -1.14
CA VAL A 28 -38.59 -36.13 -1.01
C VAL A 28 -38.52 -37.13 0.14
N SER A 29 -37.55 -38.05 0.11
CA SER A 29 -37.37 -38.97 1.23
C SER A 29 -36.27 -38.43 2.14
N ALA A 30 -36.48 -38.50 3.45
CA ALA A 30 -35.51 -38.00 4.39
C ALA A 30 -35.25 -39.01 5.50
N PHE A 31 -33.97 -39.20 5.80
CA PHE A 31 -33.55 -40.05 6.90
C PHE A 31 -32.71 -39.19 7.83
N LEU A 32 -33.28 -38.87 8.98
CA LEU A 32 -32.72 -37.87 9.87
C LEU A 32 -32.35 -38.51 11.19
N GLY A 33 -31.17 -38.16 11.71
CA GLY A 33 -30.75 -38.66 13.01
C GLY A 33 -30.20 -40.09 12.95
N ILE A 34 -29.51 -40.43 11.86
CA ILE A 34 -28.84 -41.72 11.75
C ILE A 34 -27.52 -41.72 12.51
N PRO A 35 -27.38 -42.59 13.52
CA PRO A 35 -26.12 -42.62 14.27
C PRO A 35 -24.92 -43.13 13.43
N PHE A 36 -23.82 -42.39 13.40
CA PHE A 36 -22.64 -42.88 12.68
C PHE A 36 -21.44 -43.14 13.60
N ALA A 37 -21.57 -42.79 14.87
CA ALA A 37 -20.53 -43.04 15.85
C ALA A 37 -21.13 -43.43 17.17
N GLU A 38 -20.34 -44.08 18.01
CA GLU A 38 -20.69 -44.26 19.41
C GLU A 38 -20.72 -42.89 20.07
N PRO A 39 -21.69 -42.65 20.96
CA PRO A 39 -21.73 -41.39 21.71
C PRO A 39 -20.41 -41.06 22.40
N PRO A 40 -19.79 -39.93 22.03
CA PRO A 40 -18.49 -39.56 22.59
C PRO A 40 -18.64 -38.92 23.99
N MET A 41 -19.11 -39.71 24.95
CA MET A 41 -19.40 -39.21 26.30
C MET A 41 -18.48 -39.83 27.34
N GLY A 42 -18.52 -39.26 28.55
CA GLY A 42 -17.73 -39.75 29.67
C GLY A 42 -16.27 -39.87 29.33
N PRO A 43 -15.74 -41.10 29.35
CA PRO A 43 -14.34 -41.39 29.01
C PRO A 43 -14.03 -41.05 27.54
N ARG A 44 -15.06 -40.99 26.69
CA ARG A 44 -14.84 -40.72 25.27
C ARG A 44 -14.78 -39.24 24.87
N ARG A 45 -15.04 -38.34 25.81
CA ARG A 45 -14.91 -36.90 25.55
C ARG A 45 -13.46 -36.58 25.17
N PHE A 46 -13.30 -35.76 24.13
CA PHE A 46 -11.99 -35.38 23.56
C PHE A 46 -11.30 -36.46 22.72
N LEU A 47 -11.83 -37.67 22.69
CA LEU A 47 -11.19 -38.76 21.95
C LEU A 47 -11.74 -38.89 20.52
N PRO A 48 -10.93 -39.48 19.62
CA PRO A 48 -11.41 -39.76 18.26
C PRO A 48 -12.71 -40.54 18.30
N PRO A 49 -13.58 -40.33 17.30
CA PRO A 49 -14.87 -41.05 17.29
C PRO A 49 -14.68 -42.55 17.01
N GLU A 50 -15.50 -43.38 17.62
CA GLU A 50 -15.54 -44.80 17.32
C GLU A 50 -16.76 -45.11 16.46
N PRO A 51 -16.61 -46.05 15.50
CA PRO A 51 -17.73 -46.44 14.64
C PRO A 51 -18.92 -46.93 15.45
N LYS A 52 -20.13 -46.59 15.01
CA LYS A 52 -21.34 -47.02 15.70
C LYS A 52 -21.49 -48.53 15.62
N GLN A 53 -21.64 -49.17 16.78
N GLN A 53 -21.62 -49.17 16.77
CA GLN A 53 -21.91 -50.60 16.84
CA GLN A 53 -21.87 -50.61 16.80
C GLN A 53 -23.27 -50.90 16.24
C GLN A 53 -23.26 -50.92 16.24
N PRO A 54 -23.39 -52.03 15.53
CA PRO A 54 -24.67 -52.46 14.96
C PRO A 54 -25.79 -52.55 16.01
N TRP A 55 -26.99 -52.20 15.59
CA TRP A 55 -28.17 -52.24 16.45
C TRP A 55 -29.17 -53.26 15.90
N SER A 56 -30.03 -53.77 16.77
CA SER A 56 -31.16 -54.57 16.31
C SER A 56 -32.41 -53.70 16.34
N GLY A 57 -33.47 -54.16 15.67
CA GLY A 57 -34.67 -53.34 15.57
C GLY A 57 -34.56 -52.28 14.50
N VAL A 58 -35.48 -51.32 14.54
CA VAL A 58 -35.51 -50.27 13.54
C VAL A 58 -35.24 -48.91 14.17
N VAL A 59 -34.12 -48.28 13.80
CA VAL A 59 -33.86 -46.91 14.22
C VAL A 59 -34.87 -45.97 13.58
N ASP A 60 -35.51 -45.16 14.42
CA ASP A 60 -36.44 -44.12 13.98
C ASP A 60 -35.65 -42.93 13.43
N ALA A 61 -35.66 -42.75 12.12
CA ALA A 61 -34.92 -41.67 11.50
C ALA A 61 -35.86 -40.63 10.87
N THR A 62 -36.78 -40.11 11.66
CA THR A 62 -37.83 -39.24 11.13
C THR A 62 -37.69 -37.83 11.67
N THR A 63 -36.76 -37.64 12.60
CA THR A 63 -36.59 -36.33 13.19
C THR A 63 -35.09 -36.01 13.42
N PHE A 64 -34.72 -34.72 13.43
CA PHE A 64 -33.34 -34.34 13.68
C PHE A 64 -32.94 -34.75 15.09
N GLN A 65 -31.66 -35.08 15.25
CA GLN A 65 -31.14 -35.45 16.55
C GLN A 65 -30.53 -34.22 17.24
N SER A 66 -30.05 -34.44 18.46
CA SER A 66 -29.51 -33.40 19.31
C SER A 66 -28.38 -32.58 18.68
N VAL A 67 -28.24 -31.33 19.13
CA VAL A 67 -27.15 -30.47 18.68
C VAL A 67 -25.93 -30.69 19.57
N CYS A 68 -24.76 -30.84 18.93
CA CYS A 68 -23.51 -30.92 19.68
C CYS A 68 -23.36 -29.75 20.61
N TYR A 69 -22.98 -30.03 21.86
CA TYR A 69 -22.85 -29.00 22.88
C TYR A 69 -22.03 -27.80 22.43
N GLN A 70 -22.61 -26.61 22.56
CA GLN A 70 -21.97 -25.42 22.03
C GLN A 70 -22.50 -24.14 22.68
N TYR A 71 -21.72 -23.08 22.51
CA TYR A 71 -22.09 -21.75 22.96
C TYR A 71 -23.31 -21.26 22.20
N VAL A 72 -24.17 -20.50 22.89
CA VAL A 72 -25.38 -19.98 22.29
C VAL A 72 -25.29 -18.45 22.19
N ASP A 73 -25.38 -17.96 20.96
CA ASP A 73 -25.22 -16.55 20.66
C ASP A 73 -26.35 -15.72 21.29
N THR A 74 -26.01 -14.90 22.27
CA THR A 74 -26.97 -14.02 22.95
C THR A 74 -26.67 -12.53 22.76
N LEU A 75 -26.06 -12.17 21.63
CA LEU A 75 -25.75 -10.76 21.36
C LEU A 75 -27.02 -9.91 21.23
N TYR A 76 -28.01 -10.46 20.52
CA TYR A 76 -29.25 -9.76 20.25
C TYR A 76 -30.45 -10.68 20.50
N PRO A 77 -30.82 -10.88 21.77
CA PRO A 77 -31.89 -11.85 22.12
C PRO A 77 -33.16 -11.62 21.32
N GLY A 78 -33.65 -12.68 20.66
CA GLY A 78 -34.87 -12.61 19.88
C GLY A 78 -34.72 -12.12 18.45
N PHE A 79 -33.52 -11.67 18.10
CA PHE A 79 -33.25 -11.17 16.74
C PHE A 79 -33.07 -12.34 15.77
N GLU A 80 -33.80 -12.33 14.67
CA GLU A 80 -33.69 -13.39 13.66
C GLU A 80 -32.26 -13.57 13.13
N GLY A 81 -31.56 -12.46 12.94
CA GLY A 81 -30.25 -12.48 12.32
C GLY A 81 -29.22 -13.31 13.07
N THR A 82 -29.31 -13.33 14.39
CA THR A 82 -28.45 -14.21 15.16
C THR A 82 -29.11 -15.54 15.54
N GLU A 83 -30.44 -15.54 15.74
CA GLU A 83 -31.14 -16.73 16.26
C GLU A 83 -31.22 -17.86 15.25
N MET A 84 -31.27 -17.51 13.97
CA MET A 84 -31.31 -18.50 12.89
C MET A 84 -30.08 -19.42 12.89
N TRP A 85 -29.04 -19.06 13.66
CA TRP A 85 -27.81 -19.84 13.73
C TRP A 85 -27.72 -20.64 15.02
N ASN A 86 -28.58 -20.32 15.98
CA ASN A 86 -28.56 -20.98 17.28
C ASN A 86 -29.17 -22.39 17.27
N PRO A 87 -28.78 -23.23 18.25
CA PRO A 87 -29.31 -24.58 18.34
C PRO A 87 -30.83 -24.59 18.36
N ASN A 88 -31.44 -25.37 17.45
CA ASN A 88 -32.89 -25.55 17.44
C ASN A 88 -33.31 -26.96 17.86
N ARG A 89 -32.41 -27.67 18.54
CA ARG A 89 -32.75 -28.92 19.22
C ARG A 89 -31.97 -28.91 20.51
N GLU A 90 -32.27 -29.85 21.40
CA GLU A 90 -31.58 -29.87 22.68
C GLU A 90 -30.08 -30.14 22.51
N LEU A 91 -29.28 -29.54 23.39
CA LEU A 91 -27.85 -29.75 23.37
C LEU A 91 -27.50 -31.08 24.01
N SER A 92 -26.54 -31.79 23.43
CA SER A 92 -26.06 -33.02 24.03
C SER A 92 -24.68 -33.40 23.48
N GLU A 93 -23.89 -34.12 24.27
CA GLU A 93 -22.64 -34.67 23.76
C GLU A 93 -22.90 -35.91 22.88
N ASP A 94 -24.10 -36.47 23.02
CA ASP A 94 -24.56 -37.57 22.20
C ASP A 94 -25.16 -36.91 20.96
N CYS A 95 -24.32 -36.57 19.99
CA CYS A 95 -24.76 -35.72 18.89
C CYS A 95 -24.24 -36.16 17.54
N LEU A 96 -23.50 -37.26 17.53
CA LEU A 96 -22.89 -37.72 16.28
C LEU A 96 -23.90 -38.51 15.43
N TYR A 97 -24.79 -37.76 14.76
CA TYR A 97 -25.77 -38.31 13.85
C TYR A 97 -25.63 -37.58 12.53
N LEU A 98 -26.05 -38.23 11.44
CA LEU A 98 -26.05 -37.56 10.14
C LEU A 98 -27.42 -37.70 9.47
N ASN A 99 -27.64 -36.99 8.37
CA ASN A 99 -28.93 -36.97 7.71
C ASN A 99 -28.76 -37.21 6.23
N VAL A 100 -29.67 -38.00 5.66
CA VAL A 100 -29.69 -38.25 4.22
C VAL A 100 -31.04 -37.83 3.63
N TRP A 101 -31.00 -36.97 2.60
CA TRP A 101 -32.18 -36.65 1.82
C TRP A 101 -31.99 -37.26 0.45
N THR A 102 -33.06 -37.84 -0.07
CA THR A 102 -33.01 -38.50 -1.37
C THR A 102 -34.33 -38.23 -2.10
N PRO A 103 -34.31 -38.27 -3.44
CA PRO A 103 -35.55 -38.14 -4.22
C PRO A 103 -36.59 -39.20 -3.84
N TYR A 104 -37.86 -38.89 -4.10
CA TYR A 104 -38.95 -39.84 -3.88
C TYR A 104 -39.66 -40.11 -5.20
N PRO A 105 -39.79 -41.40 -5.57
CA PRO A 105 -39.25 -42.53 -4.81
C PRO A 105 -37.72 -42.60 -4.96
N ARG A 106 -37.07 -43.36 -4.08
CA ARG A 106 -35.60 -43.42 -4.05
C ARG A 106 -35.02 -43.72 -5.43
N PRO A 107 -33.88 -43.11 -5.74
CA PRO A 107 -33.21 -43.36 -7.02
C PRO A 107 -32.90 -44.84 -7.20
N THR A 108 -33.20 -45.39 -8.36
CA THR A 108 -32.93 -46.80 -8.59
C THR A 108 -31.58 -46.97 -9.25
N SER A 109 -30.91 -45.84 -9.53
CA SER A 109 -29.59 -45.85 -10.12
C SER A 109 -28.67 -44.85 -9.40
N PRO A 110 -27.34 -45.08 -9.44
CA PRO A 110 -26.35 -44.22 -8.76
C PRO A 110 -26.52 -42.72 -9.02
N THR A 111 -26.86 -42.00 -7.96
CA THR A 111 -27.09 -40.56 -7.99
C THR A 111 -25.90 -39.82 -7.34
N PRO A 112 -25.46 -38.70 -7.94
CA PRO A 112 -24.38 -37.90 -7.36
C PRO A 112 -24.71 -37.39 -5.96
N VAL A 113 -23.71 -37.37 -5.08
CA VAL A 113 -23.91 -37.05 -3.66
C VAL A 113 -23.27 -35.71 -3.26
N LEU A 114 -24.06 -34.86 -2.60
CA LEU A 114 -23.54 -33.63 -2.00
C LEU A 114 -23.47 -33.81 -0.49
N VAL A 115 -22.33 -33.42 0.10
CA VAL A 115 -22.15 -33.55 1.55
C VAL A 115 -21.89 -32.18 2.16
N TRP A 116 -22.82 -31.75 3.00
CA TRP A 116 -22.79 -30.42 3.60
C TRP A 116 -22.08 -30.42 4.95
N ILE A 117 -21.12 -29.51 5.12
CA ILE A 117 -20.47 -29.32 6.41
C ILE A 117 -20.72 -27.90 6.96
N TYR A 118 -21.46 -27.79 8.07
CA TYR A 118 -21.80 -26.46 8.58
C TYR A 118 -20.58 -25.77 9.17
N GLY A 119 -20.64 -24.47 9.38
CA GLY A 119 -19.44 -23.75 9.75
C GLY A 119 -19.46 -22.52 10.64
N GLY A 120 -19.92 -22.67 11.87
CA GLY A 120 -19.84 -21.57 12.81
C GLY A 120 -18.53 -21.49 13.58
N GLY A 121 -17.45 -21.15 12.88
CA GLY A 121 -16.15 -20.89 13.50
C GLY A 121 -15.62 -22.04 14.34
N PHE A 122 -16.01 -23.26 14.00
CA PHE A 122 -15.70 -24.46 14.78
C PHE A 122 -16.20 -24.42 16.24
N TYR A 123 -17.03 -23.44 16.59
CA TYR A 123 -17.60 -23.40 17.95
C TYR A 123 -19.12 -23.61 17.95
N SER A 124 -19.73 -23.57 16.78
CA SER A 124 -21.18 -23.63 16.69
C SER A 124 -21.67 -24.18 15.35
N GLY A 125 -22.96 -24.44 15.26
CA GLY A 125 -23.57 -24.97 14.05
C GLY A 125 -24.31 -26.26 14.35
N ALA A 126 -25.22 -26.62 13.44
CA ALA A 126 -25.98 -27.88 13.55
C ALA A 126 -26.53 -28.22 12.18
N SER A 127 -26.66 -29.51 11.89
CA SER A 127 -27.24 -29.97 10.63
C SER A 127 -28.74 -29.70 10.59
N SER A 128 -29.33 -29.45 11.75
CA SER A 128 -30.79 -29.25 11.85
C SER A 128 -31.28 -27.82 11.62
N LEU A 129 -30.37 -26.88 11.44
CA LEU A 129 -30.76 -25.48 11.22
C LEU A 129 -31.66 -25.36 9.99
N ASP A 130 -32.68 -24.51 10.08
CA ASP A 130 -33.65 -24.36 8.99
C ASP A 130 -32.98 -24.00 7.68
N VAL A 131 -31.94 -23.19 7.77
CA VAL A 131 -31.28 -22.69 6.57
C VAL A 131 -30.53 -23.82 5.84
N TYR A 132 -30.29 -24.94 6.52
CA TYR A 132 -29.64 -26.10 5.89
C TYR A 132 -30.60 -27.23 5.45
N ASP A 133 -31.91 -26.94 5.38
CA ASP A 133 -32.93 -27.90 4.96
C ASP A 133 -32.66 -28.42 3.54
N GLY A 134 -32.33 -29.70 3.42
CA GLY A 134 -31.95 -30.27 2.14
C GLY A 134 -33.08 -30.57 1.15
N ARG A 135 -34.33 -30.45 1.59
CA ARG A 135 -35.45 -30.92 0.77
C ARG A 135 -35.53 -30.25 -0.61
N PHE A 136 -35.20 -28.97 -0.69
CA PHE A 136 -35.42 -28.23 -1.95
C PHE A 136 -34.37 -28.54 -3.00
N LEU A 137 -33.13 -28.76 -2.55
CA LEU A 137 -32.01 -29.03 -3.47
C LEU A 137 -32.20 -30.42 -4.05
N VAL A 138 -32.49 -31.37 -3.17
CA VAL A 138 -32.68 -32.74 -3.59
C VAL A 138 -33.84 -32.88 -4.58
N GLN A 139 -34.94 -32.18 -4.33
CA GLN A 139 -36.09 -32.26 -5.24
C GLN A 139 -35.76 -31.61 -6.59
N ALA A 140 -35.26 -30.39 -6.56
CA ALA A 140 -35.00 -29.63 -7.78
C ALA A 140 -33.89 -30.22 -8.66
N GLU A 141 -32.86 -30.77 -8.03
CA GLU A 141 -31.66 -31.16 -8.75
C GLU A 141 -31.36 -32.66 -8.72
N ARG A 142 -32.18 -33.40 -7.98
CA ARG A 142 -32.14 -34.85 -7.99
C ARG A 142 -30.77 -35.43 -7.62
N THR A 143 -30.20 -34.91 -6.55
CA THR A 143 -28.97 -35.42 -5.98
C THR A 143 -29.31 -36.10 -4.67
N VAL A 144 -28.37 -36.85 -4.11
CA VAL A 144 -28.50 -37.25 -2.72
C VAL A 144 -27.71 -36.23 -1.87
N LEU A 145 -28.30 -35.79 -0.77
CA LEU A 145 -27.70 -34.77 0.08
C LEU A 145 -27.49 -35.38 1.45
N VAL A 146 -26.27 -35.28 1.95
CA VAL A 146 -25.91 -35.75 3.28
C VAL A 146 -25.37 -34.57 4.08
N SER A 147 -25.73 -34.50 5.36
CA SER A 147 -25.13 -33.52 6.24
C SER A 147 -24.91 -34.21 7.58
N MET A 148 -23.86 -33.83 8.29
CA MET A 148 -23.56 -34.45 9.57
C MET A 148 -23.37 -33.43 10.68
N ASN A 149 -23.60 -33.87 11.91
CA ASN A 149 -23.20 -33.12 13.09
C ASN A 149 -21.79 -33.55 13.48
N TYR A 150 -20.92 -32.60 13.77
CA TYR A 150 -19.60 -32.91 14.29
C TYR A 150 -19.35 -32.05 15.51
N ARG A 151 -18.54 -32.57 16.43
CA ARG A 151 -18.20 -31.85 17.66
C ARG A 151 -17.52 -30.51 17.43
N VAL A 152 -17.92 -29.52 18.23
CA VAL A 152 -17.39 -28.18 18.12
C VAL A 152 -16.86 -27.70 19.47
N GLY A 153 -16.26 -26.51 19.46
CA GLY A 153 -15.67 -25.93 20.66
C GLY A 153 -14.66 -26.88 21.25
N ALA A 154 -14.55 -26.87 22.58
CA ALA A 154 -13.62 -27.75 23.28
C ALA A 154 -13.83 -29.23 22.96
N PHE A 155 -15.10 -29.64 22.85
CA PHE A 155 -15.44 -31.05 22.65
C PHE A 155 -14.85 -31.60 21.38
N GLY A 156 -14.76 -30.76 20.36
CA GLY A 156 -14.23 -31.18 19.08
C GLY A 156 -12.78 -30.82 18.83
N PHE A 157 -12.26 -29.82 19.53
CA PHE A 157 -10.98 -29.23 19.14
C PHE A 157 -9.98 -28.88 20.26
N LEU A 158 -10.34 -29.15 21.50
CA LEU A 158 -9.37 -29.00 22.57
C LEU A 158 -8.22 -29.94 22.30
N ALA A 159 -6.99 -29.42 22.42
CA ALA A 159 -5.82 -30.21 22.10
C ALA A 159 -4.70 -30.01 23.11
N LEU A 160 -4.19 -31.11 23.63
CA LEU A 160 -2.90 -31.12 24.31
C LEU A 160 -1.99 -31.92 23.41
N PRO A 161 -1.35 -31.26 22.44
CA PRO A 161 -0.63 -31.94 21.36
C PRO A 161 0.40 -32.93 21.88
N GLY A 162 0.40 -34.13 21.30
CA GLY A 162 1.27 -35.20 21.75
C GLY A 162 0.56 -36.17 22.68
N SER A 163 -0.42 -35.67 23.42
CA SER A 163 -1.11 -36.51 24.39
C SER A 163 -2.09 -37.44 23.70
N ARG A 164 -2.42 -38.53 24.35
CA ARG A 164 -3.32 -39.50 23.80
C ARG A 164 -4.75 -39.18 24.26
N GLU A 165 -4.85 -38.43 25.35
CA GLU A 165 -6.15 -38.16 25.98
C GLU A 165 -6.90 -37.01 25.32
N ALA A 166 -6.17 -36.16 24.60
CA ALA A 166 -6.75 -35.02 23.88
C ALA A 166 -5.85 -34.63 22.72
N PRO A 167 -5.87 -35.42 21.64
CA PRO A 167 -4.94 -35.22 20.52
C PRO A 167 -5.31 -34.06 19.59
N GLY A 168 -6.53 -33.52 19.71
CA GLY A 168 -6.95 -32.44 18.84
C GLY A 168 -7.61 -32.94 17.56
N ASN A 169 -8.34 -32.06 16.89
CA ASN A 169 -8.93 -32.33 15.58
C ASN A 169 -10.01 -33.44 15.57
N VAL A 170 -10.53 -33.81 16.73
CA VAL A 170 -11.53 -34.89 16.77
C VAL A 170 -12.83 -34.56 16.02
N GLY A 171 -13.25 -33.30 16.06
CA GLY A 171 -14.38 -32.86 15.27
C GLY A 171 -14.15 -33.04 13.78
N LEU A 172 -12.89 -32.92 13.36
CA LEU A 172 -12.55 -33.19 11.96
C LEU A 172 -12.62 -34.69 11.67
N LEU A 173 -12.22 -35.50 12.65
CA LEU A 173 -12.30 -36.95 12.51
C LEU A 173 -13.77 -37.40 12.50
N ASP A 174 -14.63 -36.67 13.21
CA ASP A 174 -16.07 -36.92 13.16
C ASP A 174 -16.54 -36.77 11.72
N GLN A 175 -16.08 -35.70 11.07
CA GLN A 175 -16.41 -35.47 9.67
C GLN A 175 -15.91 -36.61 8.77
N ARG A 176 -14.68 -37.05 9.00
CA ARG A 176 -14.08 -38.09 8.16
C ARG A 176 -14.83 -39.41 8.34
N LEU A 177 -15.17 -39.72 9.59
CA LEU A 177 -15.97 -40.91 9.90
C LEU A 177 -17.29 -40.88 9.14
N ALA A 178 -17.95 -39.73 9.12
CA ALA A 178 -19.22 -39.59 8.39
C ALA A 178 -19.03 -39.77 6.89
N LEU A 179 -17.92 -39.29 6.37
CA LEU A 179 -17.57 -39.51 4.95
C LEU A 179 -17.25 -40.98 4.66
N GLN A 180 -16.67 -41.70 5.63
CA GLN A 180 -16.48 -43.14 5.51
C GLN A 180 -17.83 -43.83 5.52
N TRP A 181 -18.72 -43.36 6.39
CA TRP A 181 -20.07 -43.91 6.48
C TRP A 181 -20.76 -43.75 5.13
N VAL A 182 -20.54 -42.61 4.50
CA VAL A 182 -21.13 -42.36 3.19
C VAL A 182 -20.59 -43.34 2.15
N GLN A 183 -19.28 -43.57 2.14
CA GLN A 183 -18.69 -44.55 1.23
C GLN A 183 -19.34 -45.92 1.37
N GLU A 184 -19.57 -46.34 2.60
CA GLU A 184 -20.10 -47.68 2.86
C GLU A 184 -21.62 -47.84 2.80
N ASN A 185 -22.37 -46.74 2.88
CA ASN A 185 -23.81 -46.87 3.05
C ASN A 185 -24.69 -46.06 2.10
N VAL A 186 -24.10 -45.13 1.38
CA VAL A 186 -24.92 -44.21 0.60
C VAL A 186 -25.60 -44.91 -0.58
N ALA A 187 -25.00 -46.00 -1.07
CA ALA A 187 -25.58 -46.75 -2.18
C ALA A 187 -26.95 -47.29 -1.81
N ALA A 188 -27.12 -47.64 -0.53
CA ALA A 188 -28.39 -48.13 -0.01
C ALA A 188 -29.51 -47.12 -0.13
N PHE A 189 -29.16 -45.87 -0.48
CA PHE A 189 -30.15 -44.80 -0.62
C PHE A 189 -30.28 -44.35 -2.08
N GLY A 190 -29.45 -44.92 -2.96
CA GLY A 190 -29.44 -44.51 -4.35
C GLY A 190 -28.24 -43.64 -4.68
N GLY A 191 -27.44 -43.35 -3.68
CA GLY A 191 -26.29 -42.48 -3.88
C GLY A 191 -25.14 -43.21 -4.54
N ASP A 192 -24.31 -42.45 -5.24
CA ASP A 192 -23.15 -42.99 -5.91
C ASP A 192 -21.89 -42.58 -5.14
N PRO A 193 -21.32 -43.52 -4.37
CA PRO A 193 -20.12 -43.25 -3.57
C PRO A 193 -18.89 -42.90 -4.39
N THR A 194 -18.96 -43.03 -5.72
CA THR A 194 -17.85 -42.62 -6.59
C THR A 194 -18.04 -41.19 -7.11
N SER A 195 -19.10 -40.53 -6.67
CA SER A 195 -19.37 -39.15 -7.02
C SER A 195 -19.88 -38.35 -5.82
N VAL A 196 -18.94 -38.00 -4.94
CA VAL A 196 -19.25 -37.28 -3.72
C VAL A 196 -18.57 -35.90 -3.74
N THR A 197 -19.39 -34.85 -3.72
CA THR A 197 -18.91 -33.48 -3.66
C THR A 197 -19.07 -32.89 -2.26
N LEU A 198 -17.98 -32.44 -1.66
CA LEU A 198 -18.07 -31.76 -0.37
C LEU A 198 -18.37 -30.29 -0.59
N PHE A 199 -19.32 -29.76 0.19
CA PHE A 199 -19.52 -28.31 0.24
C PHE A 199 -19.73 -27.81 1.66
N GLY A 200 -19.20 -26.63 1.93
CA GLY A 200 -19.24 -26.08 3.27
C GLY A 200 -19.07 -24.57 3.23
N GLU A 201 -19.49 -23.91 4.30
CA GLU A 201 -19.40 -22.47 4.36
C GLU A 201 -18.65 -22.08 5.63
N SER A 202 -17.81 -21.04 5.52
CA SER A 202 -17.05 -20.55 6.66
C SER A 202 -16.18 -21.65 7.27
N ALA A 203 -16.37 -21.99 8.54
CA ALA A 203 -15.58 -23.08 9.14
C ALA A 203 -15.81 -24.43 8.43
N GLY A 204 -17.00 -24.58 7.83
CA GLY A 204 -17.28 -25.73 6.98
C GLY A 204 -16.46 -25.74 5.71
N ALA A 205 -16.32 -24.57 5.08
CA ALA A 205 -15.40 -24.41 3.95
C ALA A 205 -13.94 -24.67 4.37
N ALA A 206 -13.56 -24.24 5.56
CA ALA A 206 -12.20 -24.50 6.03
C ALA A 206 -12.05 -26.00 6.26
N SER A 207 -13.12 -26.63 6.72
CA SER A 207 -13.13 -28.07 6.94
C SER A 207 -12.92 -28.82 5.62
N VAL A 208 -13.70 -28.46 4.60
CA VAL A 208 -13.52 -29.04 3.27
C VAL A 208 -12.06 -28.94 2.80
N GLY A 209 -11.49 -27.74 2.90
CA GLY A 209 -10.11 -27.52 2.52
C GLY A 209 -9.16 -28.44 3.26
N MET A 210 -9.40 -28.62 4.55
CA MET A 210 -8.59 -29.53 5.35
C MET A 210 -8.68 -31.00 4.92
N HIS A 211 -9.88 -31.45 4.52
CA HIS A 211 -10.00 -32.79 3.97
C HIS A 211 -9.21 -32.92 2.66
N LEU A 212 -9.15 -31.84 1.87
CA LEU A 212 -8.36 -31.82 0.65
C LEU A 212 -6.88 -32.09 0.92
N LEU A 213 -6.40 -31.61 2.06
CA LEU A 213 -4.98 -31.62 2.39
C LEU A 213 -4.60 -32.72 3.37
N SER A 214 -5.55 -33.61 3.66
CA SER A 214 -5.29 -34.74 4.54
C SER A 214 -5.54 -36.03 3.76
N PRO A 215 -4.46 -36.76 3.44
CA PRO A 215 -4.58 -37.94 2.58
C PRO A 215 -5.62 -39.00 3.01
N PRO A 216 -5.75 -39.31 4.31
CA PRO A 216 -6.82 -40.28 4.64
C PRO A 216 -8.24 -39.82 4.26
N SER A 217 -8.48 -38.51 4.18
CA SER A 217 -9.80 -38.00 3.77
C SER A 217 -9.94 -37.88 2.25
N ARG A 218 -8.82 -37.65 1.58
CA ARG A 218 -8.81 -37.34 0.15
C ARG A 218 -9.42 -38.47 -0.69
N GLY A 219 -9.35 -39.69 -0.20
CA GLY A 219 -9.96 -40.80 -0.90
C GLY A 219 -11.46 -40.95 -0.70
N LEU A 220 -12.07 -40.07 0.09
CA LEU A 220 -13.48 -40.21 0.45
C LEU A 220 -14.42 -39.27 -0.32
N PHE A 221 -13.86 -38.47 -1.23
CA PHE A 221 -14.68 -37.57 -2.03
C PHE A 221 -13.94 -37.22 -3.32
N HIS A 222 -14.60 -36.47 -4.19
CA HIS A 222 -14.09 -36.26 -5.55
C HIS A 222 -14.04 -34.77 -5.96
N ARG A 223 -14.97 -33.98 -5.45
CA ARG A 223 -15.01 -32.55 -5.76
C ARG A 223 -15.23 -31.72 -4.49
N ALA A 224 -14.85 -30.45 -4.54
CA ALA A 224 -14.89 -29.60 -3.36
C ALA A 224 -15.50 -28.23 -3.64
N VAL A 225 -16.35 -27.78 -2.73
CA VAL A 225 -16.91 -26.43 -2.78
C VAL A 225 -16.61 -25.73 -1.48
N LEU A 226 -15.95 -24.57 -1.57
CA LEU A 226 -15.57 -23.79 -0.39
C LEU A 226 -16.20 -22.41 -0.43
N GLN A 227 -17.17 -22.17 0.44
CA GLN A 227 -17.93 -20.94 0.46
C GLN A 227 -17.47 -20.06 1.62
N SER A 228 -16.86 -18.92 1.30
CA SER A 228 -16.44 -17.93 2.30
C SER A 228 -15.59 -18.50 3.41
N GLY A 229 -14.61 -19.32 3.07
CA GLY A 229 -13.75 -19.94 4.07
C GLY A 229 -12.64 -20.72 3.39
N ALA A 230 -11.56 -20.93 4.11
CA ALA A 230 -10.37 -21.57 3.54
C ALA A 230 -9.53 -22.10 4.69
N PRO A 231 -8.85 -23.24 4.49
CA PRO A 231 -8.15 -23.84 5.62
C PRO A 231 -6.91 -23.02 6.04
N ASN A 232 -6.45 -22.15 5.14
CA ASN A 232 -5.33 -21.25 5.42
C ASN A 232 -5.76 -19.93 6.07
N GLY A 233 -7.05 -19.80 6.37
CA GLY A 233 -7.51 -18.62 7.10
C GLY A 233 -6.77 -18.47 8.43
N PRO A 234 -6.43 -17.23 8.82
CA PRO A 234 -5.73 -16.97 10.09
C PRO A 234 -6.52 -17.38 11.34
N TRP A 235 -7.79 -17.75 11.18
CA TRP A 235 -8.62 -18.21 12.30
C TRP A 235 -8.80 -19.72 12.29
N ALA A 236 -8.44 -20.37 11.20
CA ALA A 236 -8.84 -21.77 10.96
C ALA A 236 -7.93 -22.80 11.63
N THR A 237 -6.70 -22.41 11.95
CA THR A 237 -5.80 -23.29 12.67
C THR A 237 -5.15 -22.55 13.81
N VAL A 238 -4.50 -23.30 14.70
CA VAL A 238 -3.79 -22.69 15.80
C VAL A 238 -2.52 -23.52 16.02
N GLY A 239 -1.43 -22.88 16.42
CA GLY A 239 -0.18 -23.57 16.70
C GLY A 239 -0.27 -24.52 17.88
N MET A 240 0.60 -25.53 17.91
CA MET A 240 0.65 -26.50 19.01
C MET A 240 0.77 -25.80 20.36
N GLY A 241 1.70 -24.86 20.45
CA GLY A 241 1.95 -24.14 21.68
C GLY A 241 0.75 -23.37 22.20
N GLU A 242 0.11 -22.61 21.31
CA GLU A 242 -1.06 -21.83 21.70
C GLU A 242 -2.29 -22.72 22.01
N ALA A 243 -2.38 -23.88 21.37
CA ALA A 243 -3.49 -24.79 21.67
C ALA A 243 -3.27 -25.37 23.07
N ARG A 244 -2.04 -25.74 23.37
CA ARG A 244 -1.71 -26.25 24.70
C ARG A 244 -2.00 -25.19 25.76
N ARG A 245 -1.71 -23.94 25.45
CA ARG A 245 -1.95 -22.89 26.43
C ARG A 245 -3.44 -22.65 26.66
N ARG A 246 -4.21 -22.66 25.58
CA ARG A 246 -5.66 -22.46 25.67
C ARG A 246 -6.35 -23.57 26.45
N ALA A 247 -5.93 -24.81 26.18
CA ALA A 247 -6.48 -25.97 26.87
C ALA A 247 -6.14 -25.89 28.35
N THR A 248 -4.94 -25.40 28.64
CA THR A 248 -4.45 -25.34 30.01
C THR A 248 -5.16 -24.26 30.80
N GLN A 249 -5.44 -23.14 30.15
CA GLN A 249 -6.20 -22.09 30.81
C GLN A 249 -7.66 -22.48 31.02
N LEU A 250 -8.23 -23.27 30.12
CA LEU A 250 -9.61 -23.72 30.31
C LEU A 250 -9.67 -24.56 31.57
N ALA A 251 -8.70 -25.46 31.73
CA ALA A 251 -8.68 -26.34 32.91
C ALA A 251 -8.63 -25.51 34.17
N HIS A 252 -7.69 -24.58 34.23
CA HIS A 252 -7.55 -23.68 35.38
C HIS A 252 -8.85 -22.90 35.69
N LEU A 253 -9.47 -22.35 34.65
CA LEU A 253 -10.71 -21.59 34.81
C LEU A 253 -11.89 -22.41 35.34
N VAL A 254 -11.83 -23.75 35.20
CA VAL A 254 -12.93 -24.60 35.66
C VAL A 254 -12.52 -25.48 36.84
N GLY A 255 -11.38 -25.17 37.44
CA GLY A 255 -10.98 -25.79 38.68
C GLY A 255 -10.12 -27.04 38.58
N CYS A 256 -9.54 -27.27 37.41
CA CYS A 256 -8.68 -28.44 37.20
C CYS A 256 -7.20 -28.05 37.20
N PRO A 257 -6.32 -28.96 37.64
CA PRO A 257 -4.87 -28.75 37.64
C PRO A 257 -4.28 -28.50 36.24
N ASN A 264 0.63 -32.63 34.25
CA ASN A 264 0.40 -33.92 33.60
C ASN A 264 -0.89 -33.93 32.78
N ASP A 265 -0.77 -34.18 31.49
CA ASP A 265 -1.92 -34.13 30.57
C ASP A 265 -3.02 -35.09 31.00
N THR A 266 -2.62 -36.30 31.39
CA THR A 266 -3.55 -37.32 31.83
C THR A 266 -4.46 -36.83 32.95
N GLU A 267 -3.87 -36.27 34.00
CA GLU A 267 -4.63 -35.76 35.13
C GLU A 267 -5.48 -34.56 34.73
N LEU A 268 -4.94 -33.72 33.85
CA LEU A 268 -5.63 -32.51 33.41
C LEU A 268 -6.91 -32.88 32.63
N VAL A 269 -6.77 -33.77 31.64
CA VAL A 269 -7.91 -34.18 30.84
C VAL A 269 -8.93 -34.95 31.67
N ALA A 270 -8.44 -35.81 32.56
CA ALA A 270 -9.33 -36.59 33.41
C ALA A 270 -10.25 -35.68 34.23
N CYS A 271 -9.66 -34.63 34.80
CA CYS A 271 -10.44 -33.65 35.55
C CYS A 271 -11.43 -32.90 34.64
N LEU A 272 -10.98 -32.54 33.44
CA LEU A 272 -11.89 -31.91 32.47
C LEU A 272 -13.07 -32.82 32.15
N ARG A 273 -12.82 -34.13 32.09
CA ARG A 273 -13.87 -35.09 31.79
C ARG A 273 -14.97 -35.17 32.86
N THR A 274 -14.65 -34.80 34.09
CA THR A 274 -15.62 -34.82 35.19
C THR A 274 -16.55 -33.61 35.15
N ARG A 275 -16.20 -32.61 34.35
CA ARG A 275 -16.96 -31.36 34.30
C ARG A 275 -18.19 -31.45 33.38
N PRO A 276 -19.31 -30.87 33.81
CA PRO A 276 -20.48 -30.81 32.93
C PRO A 276 -20.13 -30.04 31.66
N ALA A 277 -20.69 -30.49 30.54
CA ALA A 277 -20.44 -29.87 29.25
C ALA A 277 -20.64 -28.36 29.28
N GLN A 278 -21.75 -27.92 29.87
CA GLN A 278 -22.06 -26.50 29.92
C GLN A 278 -20.98 -25.67 30.64
N VAL A 279 -20.29 -26.28 31.60
CA VAL A 279 -19.28 -25.54 32.34
C VAL A 279 -18.11 -25.19 31.42
N LEU A 280 -17.72 -26.14 30.58
CA LEU A 280 -16.67 -25.89 29.60
C LEU A 280 -17.09 -24.75 28.67
N VAL A 281 -18.29 -24.87 28.13
CA VAL A 281 -18.85 -23.85 27.25
C VAL A 281 -18.85 -22.44 27.88
N ASN A 282 -19.19 -22.37 29.17
CA ASN A 282 -19.30 -21.10 29.88
C ASN A 282 -17.99 -20.30 29.91
N HIS A 283 -16.86 -20.98 29.76
CA HIS A 283 -15.56 -20.32 29.80
C HIS A 283 -14.79 -20.38 28.48
N GLU A 284 -15.47 -20.76 27.41
CA GLU A 284 -14.82 -20.96 26.12
C GLU A 284 -14.11 -19.70 25.65
N TRP A 285 -14.83 -18.57 25.64
CA TRP A 285 -14.31 -17.34 25.09
C TRP A 285 -13.17 -16.74 25.91
N HIS A 286 -13.11 -17.10 27.19
CA HIS A 286 -12.10 -16.56 28.09
C HIS A 286 -10.67 -17.01 27.83
N VAL A 287 -10.46 -18.02 26.98
CA VAL A 287 -9.09 -18.49 26.73
C VAL A 287 -8.39 -17.81 25.54
N LEU A 288 -9.07 -16.87 24.89
CA LEU A 288 -8.45 -16.12 23.82
C LEU A 288 -7.43 -15.14 24.42
N PRO A 289 -6.31 -14.91 23.72
CA PRO A 289 -5.25 -14.06 24.26
C PRO A 289 -5.60 -12.57 24.29
N GLN A 290 -6.56 -12.12 23.49
CA GLN A 290 -6.91 -10.70 23.48
C GLN A 290 -8.31 -10.46 22.93
N GLU A 291 -8.84 -9.27 23.18
CA GLU A 291 -10.08 -8.82 22.59
C GLU A 291 -9.97 -8.93 21.07
N SER A 292 -10.98 -9.50 20.42
CA SER A 292 -10.95 -9.71 18.97
C SER A 292 -12.33 -9.94 18.35
N VAL A 293 -12.38 -9.89 17.03
CA VAL A 293 -13.51 -10.47 16.31
C VAL A 293 -12.93 -11.48 15.33
N PHE A 294 -13.76 -12.40 14.86
CA PHE A 294 -13.35 -13.44 13.92
C PHE A 294 -12.19 -14.30 14.45
N ARG A 295 -12.23 -14.61 15.75
CA ARG A 295 -11.27 -15.54 16.35
C ARG A 295 -11.99 -16.47 17.29
N PHE A 296 -11.61 -17.74 17.27
CA PHE A 296 -12.32 -18.76 18.03
C PHE A 296 -11.34 -19.60 18.84
N SER A 297 -11.76 -19.98 20.04
CA SER A 297 -10.86 -20.62 21.00
C SER A 297 -10.32 -21.98 20.58
N PHE A 298 -11.20 -22.87 20.14
CA PHE A 298 -10.81 -24.25 19.85
C PHE A 298 -11.01 -24.61 18.39
N VAL A 299 -9.90 -24.68 17.67
CA VAL A 299 -9.92 -24.85 16.21
C VAL A 299 -8.91 -25.95 15.85
N PRO A 300 -8.93 -26.40 14.58
CA PRO A 300 -7.94 -27.40 14.16
C PRO A 300 -6.50 -27.00 14.50
N VAL A 301 -5.70 -27.97 14.90
CA VAL A 301 -4.33 -27.72 15.28
C VAL A 301 -3.39 -28.47 14.33
N VAL A 302 -2.31 -27.80 13.91
CA VAL A 302 -1.28 -28.42 13.10
C VAL A 302 -0.38 -29.21 14.02
N ASP A 303 -0.47 -30.53 13.94
CA ASP A 303 0.19 -31.39 14.91
C ASP A 303 1.09 -32.46 14.26
N GLY A 304 1.07 -32.52 12.93
CA GLY A 304 1.81 -33.54 12.21
C GLY A 304 0.98 -34.76 11.86
N ASP A 305 -0.21 -34.88 12.45
CA ASP A 305 -1.08 -36.05 12.23
C ASP A 305 -2.15 -35.82 11.15
N PHE A 306 -3.32 -35.29 11.52
CA PHE A 306 -4.38 -35.00 10.53
C PHE A 306 -3.84 -34.03 9.46
N LEU A 307 -3.17 -32.99 9.93
CA LEU A 307 -2.42 -32.10 9.07
C LEU A 307 -0.94 -32.29 9.37
N SER A 308 -0.19 -32.81 8.41
CA SER A 308 1.23 -33.09 8.62
C SER A 308 2.07 -31.82 8.57
N ASP A 309 1.47 -30.72 8.13
CA ASP A 309 2.13 -29.42 8.12
C ASP A 309 1.04 -28.36 8.15
N THR A 310 1.43 -27.09 8.15
CA THR A 310 0.45 -26.01 8.06
C THR A 310 -0.31 -26.12 6.74
N PRO A 311 -1.56 -25.65 6.73
CA PRO A 311 -2.32 -25.70 5.47
C PRO A 311 -1.61 -24.94 4.36
N GLU A 312 -1.02 -23.81 4.69
N GLU A 312 -1.00 -23.80 4.67
CA GLU A 312 -0.26 -23.02 3.73
CA GLU A 312 -0.27 -23.06 3.65
C GLU A 312 0.86 -23.85 3.07
C GLU A 312 0.83 -23.92 3.04
N ALA A 313 1.63 -24.55 3.88
CA ALA A 313 2.70 -25.43 3.40
C ALA A 313 2.16 -26.56 2.54
N LEU A 314 1.10 -27.22 3.02
CA LEU A 314 0.51 -28.35 2.31
C LEU A 314 -0.08 -27.90 0.97
N ILE A 315 -0.61 -26.68 0.94
CA ILE A 315 -1.17 -26.10 -0.28
C ILE A 315 -0.07 -25.85 -1.32
N ASN A 316 1.00 -25.18 -0.92
CA ASN A 316 2.11 -24.87 -1.83
C ASN A 316 2.77 -26.11 -2.43
N ALA A 317 2.87 -27.18 -1.65
CA ALA A 317 3.54 -28.40 -2.07
C ALA A 317 2.66 -29.35 -2.88
N GLY A 318 1.36 -29.11 -2.90
CA GLY A 318 0.41 -30.05 -3.49
C GLY A 318 0.30 -30.10 -5.01
N ASP A 319 0.11 -31.31 -5.52
CA ASP A 319 -0.24 -31.53 -6.92
C ASP A 319 -1.76 -31.67 -6.94
N PHE A 320 -2.43 -30.79 -7.66
CA PHE A 320 -3.89 -30.80 -7.65
C PHE A 320 -4.52 -31.09 -9.00
N HIS A 321 -3.78 -31.78 -9.87
CA HIS A 321 -4.35 -32.25 -11.13
C HIS A 321 -5.44 -33.28 -10.81
N GLY A 322 -6.56 -33.18 -11.51
CA GLY A 322 -7.66 -34.10 -11.29
C GLY A 322 -8.68 -33.57 -10.29
N LEU A 323 -8.42 -32.37 -9.78
CA LEU A 323 -9.30 -31.75 -8.81
C LEU A 323 -10.09 -30.59 -9.43
N GLN A 324 -11.40 -30.59 -9.20
CA GLN A 324 -12.21 -29.43 -9.52
C GLN A 324 -12.72 -28.81 -8.23
N VAL A 325 -12.64 -27.49 -8.14
CA VAL A 325 -13.06 -26.78 -6.94
C VAL A 325 -13.95 -25.60 -7.30
N LEU A 326 -15.00 -25.38 -6.51
CA LEU A 326 -15.80 -24.17 -6.59
C LEU A 326 -15.58 -23.36 -5.32
N VAL A 327 -15.14 -22.11 -5.47
CA VAL A 327 -14.86 -21.26 -4.31
C VAL A 327 -15.48 -19.88 -4.51
N GLY A 328 -15.76 -19.19 -3.42
CA GLY A 328 -16.32 -17.86 -3.57
C GLY A 328 -16.59 -17.18 -2.25
N VAL A 329 -17.08 -15.95 -2.34
CA VAL A 329 -17.23 -15.09 -1.19
C VAL A 329 -18.48 -14.27 -1.36
N VAL A 330 -19.01 -13.73 -0.27
CA VAL A 330 -20.09 -12.75 -0.36
C VAL A 330 -19.50 -11.35 -0.53
N LYS A 331 -20.35 -10.38 -0.88
CA LYS A 331 -19.91 -9.03 -1.16
C LYS A 331 -19.33 -8.32 0.07
N ASP A 332 -19.86 -8.64 1.25
CA ASP A 332 -19.42 -7.95 2.46
C ASP A 332 -19.01 -8.87 3.60
N GLU A 333 -17.92 -9.61 3.39
CA GLU A 333 -17.45 -10.65 4.31
C GLU A 333 -17.27 -10.19 5.76
N GLY A 334 -16.85 -8.94 5.95
CA GLY A 334 -16.47 -8.49 7.28
C GLY A 334 -17.55 -7.91 8.18
N SER A 335 -18.61 -7.38 7.58
CA SER A 335 -19.60 -6.61 8.31
C SER A 335 -20.18 -7.31 9.55
N TYR A 336 -20.69 -8.52 9.36
CA TYR A 336 -21.26 -9.32 10.47
C TYR A 336 -20.37 -9.37 11.72
N PHE A 337 -19.08 -9.60 11.53
CA PHE A 337 -18.18 -9.78 12.67
C PHE A 337 -17.95 -8.51 13.48
N LEU A 338 -18.16 -7.35 12.85
CA LEU A 338 -17.86 -6.07 13.49
C LEU A 338 -18.69 -5.80 14.75
N VAL A 339 -19.92 -6.31 14.78
CA VAL A 339 -20.80 -6.06 15.93
C VAL A 339 -20.46 -6.87 17.18
N TYR A 340 -19.46 -7.74 17.08
CA TYR A 340 -19.05 -8.56 18.22
C TYR A 340 -17.80 -8.05 18.95
N GLY A 341 -17.50 -6.76 18.81
CA GLY A 341 -16.38 -6.19 19.54
C GLY A 341 -15.63 -5.00 18.96
N ALA A 342 -15.88 -4.66 17.71
CA ALA A 342 -15.28 -3.46 17.15
C ALA A 342 -15.97 -2.27 17.79
N PRO A 343 -15.18 -1.35 18.39
CA PRO A 343 -15.71 -0.15 19.04
C PRO A 343 -16.54 0.71 18.08
N GLY A 344 -17.70 1.14 18.53
CA GLY A 344 -18.56 1.96 17.71
C GLY A 344 -19.58 1.23 16.84
N PHE A 345 -19.48 -0.09 16.78
CA PHE A 345 -20.35 -0.86 15.87
C PHE A 345 -21.59 -1.45 16.53
N SER A 346 -22.70 -1.43 15.79
CA SER A 346 -23.95 -2.03 16.23
C SER A 346 -24.90 -2.22 15.06
N LYS A 347 -25.74 -3.25 15.12
CA LYS A 347 -26.73 -3.46 14.07
C LYS A 347 -27.81 -2.39 14.18
N ASP A 348 -27.88 -1.73 15.34
CA ASP A 348 -28.98 -0.82 15.65
C ASP A 348 -28.72 0.67 15.34
N ASN A 349 -27.51 0.99 14.88
CA ASN A 349 -27.27 2.30 14.27
C ASN A 349 -26.47 2.22 12.98
N GLU A 350 -26.08 3.37 12.46
CA GLU A 350 -25.37 3.46 11.20
C GLU A 350 -23.91 3.04 11.35
N SER A 351 -23.47 2.86 12.59
CA SER A 351 -22.09 2.53 12.90
C SER A 351 -21.11 3.44 12.15
N LEU A 352 -21.40 4.73 12.10
CA LEU A 352 -20.51 5.72 11.49
C LEU A 352 -19.44 6.06 12.50
N ILE A 353 -18.33 5.32 12.45
CA ILE A 353 -17.30 5.42 13.47
C ILE A 353 -16.30 6.56 13.23
N SER A 354 -15.54 6.89 14.26
CA SER A 354 -14.53 7.94 14.20
C SER A 354 -13.18 7.33 13.86
N ARG A 355 -12.22 8.19 13.50
CA ARG A 355 -10.88 7.72 13.18
C ARG A 355 -10.28 6.93 14.33
N ALA A 356 -10.43 7.44 15.55
CA ALA A 356 -9.88 6.77 16.73
C ALA A 356 -10.51 5.37 16.90
N GLU A 357 -11.80 5.25 16.65
CA GLU A 357 -12.46 3.95 16.73
C GLU A 357 -11.94 3.04 15.62
N PHE A 358 -11.76 3.59 14.42
CA PHE A 358 -11.21 2.82 13.32
C PHE A 358 -9.86 2.23 13.72
N LEU A 359 -8.98 3.05 14.27
CA LEU A 359 -7.65 2.64 14.68
C LEU A 359 -7.68 1.57 15.77
N ALA A 360 -8.49 1.77 16.80
CA ALA A 360 -8.65 0.74 17.82
C ALA A 360 -9.29 -0.51 17.22
N GLY A 361 -10.19 -0.30 16.26
CA GLY A 361 -10.83 -1.40 15.57
C GLY A 361 -9.85 -2.30 14.82
N VAL A 362 -8.78 -1.71 14.31
CA VAL A 362 -7.78 -2.46 13.53
C VAL A 362 -7.06 -3.48 14.41
N ARG A 363 -6.82 -3.14 15.67
CA ARG A 363 -6.16 -4.08 16.57
C ARG A 363 -7.11 -5.21 16.99
N VAL A 364 -8.41 -4.93 16.94
CA VAL A 364 -9.41 -5.93 17.29
C VAL A 364 -9.59 -6.88 16.11
N GLY A 365 -9.66 -6.31 14.91
CA GLY A 365 -9.85 -7.10 13.71
C GLY A 365 -8.58 -7.73 13.17
N VAL A 366 -7.41 -7.30 13.65
CA VAL A 366 -6.15 -7.94 13.28
C VAL A 366 -5.33 -8.22 14.53
N PRO A 367 -5.83 -9.11 15.39
CA PRO A 367 -5.25 -9.31 16.73
C PRO A 367 -3.89 -10.00 16.68
N GLN A 368 -3.10 -9.83 17.74
CA GLN A 368 -1.82 -10.52 17.89
C GLN A 368 -0.74 -10.20 16.83
N VAL A 369 -0.77 -9.02 16.24
CA VAL A 369 0.33 -8.61 15.37
C VAL A 369 1.08 -7.40 15.92
N SER A 370 2.29 -7.17 15.41
CA SER A 370 3.11 -6.06 15.87
C SER A 370 2.47 -4.72 15.53
N ASP A 371 2.85 -3.69 16.28
CA ASP A 371 2.46 -2.31 15.99
C ASP A 371 2.82 -1.93 14.56
N LEU A 372 3.98 -2.39 14.10
CA LEU A 372 4.39 -2.14 12.73
C LEU A 372 3.39 -2.75 11.73
N ALA A 373 3.02 -4.01 11.97
CA ALA A 373 2.05 -4.69 11.10
C ALA A 373 0.72 -3.95 11.06
N ALA A 374 0.25 -3.53 12.23
CA ALA A 374 -0.96 -2.73 12.33
C ALA A 374 -0.89 -1.42 11.54
N GLU A 375 0.25 -0.72 11.64
CA GLU A 375 0.46 0.53 10.93
C GLU A 375 0.35 0.30 9.43
N ALA A 376 0.93 -0.80 8.98
CA ALA A 376 0.86 -1.17 7.57
C ALA A 376 -0.60 -1.40 7.14
N VAL A 377 -1.40 -2.02 8.01
CA VAL A 377 -2.82 -2.19 7.70
C VAL A 377 -3.49 -0.84 7.52
N VAL A 378 -3.28 0.05 8.49
CA VAL A 378 -3.83 1.40 8.48
C VAL A 378 -3.40 2.21 7.25
N LEU A 379 -2.16 2.01 6.81
CA LEU A 379 -1.68 2.66 5.59
C LEU A 379 -2.51 2.23 4.39
N HIS A 380 -2.62 0.91 4.20
N HIS A 380 -2.64 0.92 4.20
CA HIS A 380 -3.31 0.36 3.03
CA HIS A 380 -3.31 0.41 3.00
C HIS A 380 -4.79 0.72 3.01
C HIS A 380 -4.82 0.64 3.00
N TYR A 381 -5.41 0.75 4.19
CA TYR A 381 -6.87 0.88 4.28
C TYR A 381 -7.38 2.30 4.56
N THR A 382 -6.46 3.25 4.66
CA THR A 382 -6.85 4.64 4.81
C THR A 382 -6.90 5.29 3.43
N ASP A 383 -7.97 6.04 3.16
CA ASP A 383 -7.98 6.98 2.05
C ASP A 383 -7.39 8.28 2.59
N TRP A 384 -6.18 8.62 2.16
CA TRP A 384 -5.47 9.77 2.74
C TRP A 384 -5.97 11.14 2.25
N LEU A 385 -6.87 11.12 1.27
CA LEU A 385 -7.65 12.30 0.93
C LEU A 385 -8.89 12.47 1.84
N HIS A 386 -9.28 11.40 2.53
CA HIS A 386 -10.45 11.43 3.42
C HIS A 386 -10.21 10.60 4.68
N PRO A 387 -9.15 10.93 5.43
CA PRO A 387 -8.73 10.01 6.49
C PRO A 387 -9.73 9.85 7.63
N GLU A 388 -10.70 10.74 7.75
CA GLU A 388 -11.56 10.79 8.93
C GLU A 388 -13.06 10.67 8.66
N ASP A 389 -13.43 10.41 7.41
CA ASP A 389 -14.83 10.26 7.04
C ASP A 389 -15.43 8.96 7.60
N PRO A 390 -16.42 9.09 8.50
CA PRO A 390 -17.05 7.94 9.18
C PRO A 390 -17.55 6.83 8.25
N ALA A 391 -18.27 7.17 7.19
CA ALA A 391 -18.76 6.14 6.26
C ALA A 391 -17.62 5.32 5.64
N ARG A 392 -16.56 6.00 5.22
CA ARG A 392 -15.42 5.34 4.61
C ARG A 392 -14.65 4.51 5.62
N LEU A 393 -14.59 4.99 6.86
CA LEU A 393 -13.93 4.27 7.94
C LEU A 393 -14.70 2.98 8.29
N ARG A 394 -16.02 3.06 8.23
CA ARG A 394 -16.88 1.90 8.47
C ARG A 394 -16.63 0.86 7.36
N GLU A 395 -16.72 1.29 6.12
CA GLU A 395 -16.44 0.42 4.98
C GLU A 395 -15.03 -0.16 5.02
N ALA A 396 -14.06 0.65 5.46
CA ALA A 396 -12.68 0.20 5.44
C ALA A 396 -12.41 -0.86 6.49
N LEU A 397 -12.92 -0.68 7.71
CA LEU A 397 -12.71 -1.69 8.75
C LEU A 397 -13.42 -3.01 8.40
N SER A 398 -14.55 -2.92 7.73
CA SER A 398 -15.25 -4.09 7.24
C SER A 398 -14.38 -4.80 6.21
N ASP A 399 -13.75 -4.02 5.34
CA ASP A 399 -12.80 -4.55 4.34
C ASP A 399 -11.60 -5.21 5.00
N VAL A 400 -11.08 -4.61 6.06
CA VAL A 400 -9.93 -5.18 6.75
C VAL A 400 -10.26 -6.59 7.28
N VAL A 401 -11.31 -6.67 8.09
CA VAL A 401 -11.75 -7.94 8.68
C VAL A 401 -12.11 -8.99 7.61
N GLY A 402 -12.83 -8.55 6.58
CA GLY A 402 -13.22 -9.47 5.51
C GLY A 402 -12.11 -9.96 4.60
N ASP A 403 -11.16 -9.07 4.28
CA ASP A 403 -10.03 -9.42 3.43
C ASP A 403 -9.06 -10.35 4.16
N HIS A 404 -8.65 -9.90 5.34
CA HIS A 404 -7.73 -10.65 6.19
C HIS A 404 -8.28 -12.05 6.51
N ASN A 405 -9.54 -12.12 6.88
CA ASN A 405 -10.10 -13.40 7.30
C ASN A 405 -10.62 -14.31 6.19
N VAL A 406 -11.22 -13.74 5.15
CA VAL A 406 -11.90 -14.56 4.16
C VAL A 406 -11.42 -14.39 2.72
N VAL A 407 -11.59 -13.18 2.16
CA VAL A 407 -11.33 -12.96 0.73
C VAL A 407 -9.89 -13.33 0.32
N CYS A 408 -8.92 -12.87 1.09
CA CYS A 408 -7.53 -13.11 0.71
C CYS A 408 -7.07 -14.54 0.95
N PRO A 409 -7.49 -15.16 2.07
CA PRO A 409 -7.14 -16.59 2.17
C PRO A 409 -7.78 -17.43 1.07
N VAL A 410 -9.01 -17.10 0.65
CA VAL A 410 -9.67 -17.82 -0.44
C VAL A 410 -8.97 -17.57 -1.78
N ALA A 411 -8.57 -16.33 -2.01
CA ALA A 411 -7.86 -15.96 -3.24
C ALA A 411 -6.53 -16.69 -3.33
N GLN A 412 -5.86 -16.80 -2.21
CA GLN A 412 -4.58 -17.49 -2.18
C GLN A 412 -4.76 -18.96 -2.49
N LEU A 413 -5.75 -19.58 -1.86
CA LEU A 413 -6.08 -20.98 -2.11
C LEU A 413 -6.39 -21.20 -3.58
N ALA A 414 -7.30 -20.40 -4.11
CA ALA A 414 -7.69 -20.48 -5.51
C ALA A 414 -6.49 -20.37 -6.48
N GLY A 415 -5.63 -19.38 -6.25
CA GLY A 415 -4.46 -19.15 -7.10
C GLY A 415 -3.51 -20.33 -7.09
N ARG A 416 -3.20 -20.82 -5.90
CA ARG A 416 -2.31 -21.98 -5.79
C ARG A 416 -2.90 -23.22 -6.41
N LEU A 417 -4.18 -23.49 -6.14
CA LEU A 417 -4.83 -24.67 -6.70
C LEU A 417 -4.84 -24.60 -8.23
N ALA A 418 -5.25 -23.46 -8.77
CA ALA A 418 -5.28 -23.29 -10.23
C ALA A 418 -3.90 -23.49 -10.85
N ALA A 419 -2.87 -22.91 -10.22
CA ALA A 419 -1.50 -22.98 -10.73
C ALA A 419 -0.86 -24.35 -10.54
N GLN A 420 -1.48 -25.20 -9.73
CA GLN A 420 -0.90 -26.50 -9.44
C GLN A 420 -1.79 -27.66 -9.89
N GLY A 421 -2.60 -27.38 -10.92
CA GLY A 421 -3.29 -28.45 -11.61
C GLY A 421 -4.80 -28.56 -11.46
N ALA A 422 -5.38 -27.84 -10.52
CA ALA A 422 -6.81 -27.92 -10.27
C ALA A 422 -7.56 -27.00 -11.20
N ARG A 423 -8.79 -27.37 -11.55
CA ARG A 423 -9.68 -26.47 -12.27
C ARG A 423 -10.56 -25.75 -11.25
N VAL A 424 -10.47 -24.43 -11.22
CA VAL A 424 -11.11 -23.65 -10.18
C VAL A 424 -12.16 -22.72 -10.76
N TYR A 425 -13.32 -22.66 -10.13
CA TYR A 425 -14.32 -21.65 -10.45
C TYR A 425 -14.55 -20.74 -9.23
N ALA A 426 -14.59 -19.43 -9.47
CA ALA A 426 -14.72 -18.46 -8.39
C ALA A 426 -15.95 -17.56 -8.59
N TYR A 427 -16.59 -17.18 -7.49
CA TYR A 427 -17.74 -16.29 -7.56
C TYR A 427 -17.71 -15.24 -6.46
N VAL A 428 -18.39 -14.13 -6.71
CA VAL A 428 -18.77 -13.23 -5.65
C VAL A 428 -20.29 -13.14 -5.61
N PHE A 429 -20.85 -13.38 -4.43
CA PHE A 429 -22.30 -13.39 -4.27
C PHE A 429 -22.72 -12.00 -3.84
N GLU A 430 -23.50 -11.34 -4.68
CA GLU A 430 -23.79 -9.91 -4.48
C GLU A 430 -25.25 -9.57 -4.22
N HIS A 431 -26.10 -10.57 -4.02
CA HIS A 431 -27.49 -10.29 -3.77
C HIS A 431 -27.82 -10.15 -2.29
N ARG A 432 -28.44 -9.04 -1.93
CA ARG A 432 -28.96 -8.84 -0.58
C ARG A 432 -30.41 -9.32 -0.52
N ALA A 433 -30.67 -10.32 0.31
CA ALA A 433 -32.00 -10.92 0.40
C ALA A 433 -33.04 -9.91 0.84
N SER A 434 -34.18 -9.89 0.15
CA SER A 434 -35.30 -9.02 0.53
C SER A 434 -35.75 -9.24 1.97
N THR A 435 -35.48 -10.43 2.49
CA THR A 435 -35.91 -10.77 3.84
C THR A 435 -34.83 -10.51 4.90
N LEU A 436 -33.67 -10.00 4.48
CA LEU A 436 -32.55 -9.87 5.40
C LEU A 436 -32.88 -8.96 6.58
N SER A 437 -32.63 -9.46 7.78
CA SER A 437 -32.96 -8.71 8.99
C SER A 437 -31.81 -7.85 9.52
N TRP A 438 -30.62 -7.98 8.94
CA TRP A 438 -29.49 -7.13 9.31
C TRP A 438 -29.62 -5.76 8.61
N PRO A 439 -29.09 -4.70 9.25
CA PRO A 439 -29.27 -3.37 8.66
C PRO A 439 -28.59 -3.23 7.30
N LEU A 440 -29.02 -2.21 6.56
CA LEU A 440 -28.53 -1.95 5.21
C LEU A 440 -27.01 -1.70 5.12
N TRP A 441 -26.40 -1.13 6.16
CA TRP A 441 -24.97 -0.86 6.11
C TRP A 441 -24.12 -2.13 6.05
N MET A 442 -24.68 -3.25 6.50
CA MET A 442 -23.96 -4.51 6.47
C MET A 442 -23.86 -5.13 5.06
N GLY A 443 -24.64 -4.60 4.12
CA GLY A 443 -24.61 -5.09 2.75
C GLY A 443 -25.06 -6.55 2.62
N VAL A 444 -24.25 -7.34 1.92
CA VAL A 444 -24.44 -8.79 1.84
C VAL A 444 -23.48 -9.48 2.80
N PRO A 445 -23.94 -9.83 4.01
CA PRO A 445 -23.01 -10.36 5.01
C PRO A 445 -22.67 -11.84 4.87
N HIS A 446 -21.59 -12.22 5.53
CA HIS A 446 -21.14 -13.59 5.70
C HIS A 446 -22.30 -14.52 6.07
N GLY A 447 -22.44 -15.62 5.35
CA GLY A 447 -23.45 -16.61 5.65
C GLY A 447 -24.77 -16.47 4.90
N TYR A 448 -24.93 -15.38 4.16
CA TYR A 448 -26.23 -15.07 3.59
C TYR A 448 -26.42 -15.44 2.13
N GLU A 449 -25.53 -16.28 1.63
CA GLU A 449 -25.72 -16.91 0.33
C GLU A 449 -26.29 -18.32 0.54
N ILE A 450 -26.07 -18.89 1.72
CA ILE A 450 -26.45 -20.26 2.00
C ILE A 450 -27.93 -20.56 1.74
N GLU A 451 -28.82 -19.66 2.19
CA GLU A 451 -30.26 -19.88 2.03
C GLU A 451 -30.67 -19.94 0.57
N PHE A 452 -29.88 -19.29 -0.30
CA PHE A 452 -30.12 -19.37 -1.75
C PHE A 452 -29.61 -20.67 -2.37
N ILE A 453 -28.47 -21.16 -1.88
CA ILE A 453 -27.91 -22.40 -2.38
C ILE A 453 -28.84 -23.57 -2.05
N PHE A 454 -29.47 -23.50 -0.88
CA PHE A 454 -30.37 -24.56 -0.41
C PHE A 454 -31.79 -24.37 -0.91
N GLY A 455 -32.02 -23.31 -1.67
CA GLY A 455 -33.31 -23.07 -2.28
C GLY A 455 -34.41 -22.76 -1.28
N ILE A 456 -34.02 -22.22 -0.12
CA ILE A 456 -34.99 -21.77 0.89
C ILE A 456 -36.05 -20.78 0.33
N PRO A 457 -35.66 -19.90 -0.63
CA PRO A 457 -36.72 -19.07 -1.21
C PRO A 457 -37.91 -19.81 -1.82
N LEU A 458 -37.80 -21.10 -2.11
CA LEU A 458 -38.92 -21.83 -2.70
C LEU A 458 -39.97 -22.20 -1.65
N ASP A 459 -39.63 -22.00 -0.37
CA ASP A 459 -40.57 -22.25 0.72
C ASP A 459 -41.68 -21.20 0.69
N PRO A 460 -42.91 -21.64 0.40
CA PRO A 460 -44.08 -20.76 0.23
C PRO A 460 -44.34 -19.90 1.47
N SER A 461 -44.21 -20.52 2.65
CA SER A 461 -44.39 -19.82 3.92
C SER A 461 -43.35 -18.75 4.22
N ARG A 462 -42.43 -18.51 3.29
CA ARG A 462 -41.46 -17.44 3.46
C ARG A 462 -41.71 -16.33 2.44
N ASN A 463 -41.11 -15.17 2.64
CA ASN A 463 -41.55 -13.96 1.95
C ASN A 463 -40.64 -13.52 0.81
N TYR A 464 -39.96 -14.46 0.18
CA TYR A 464 -39.04 -14.11 -0.90
C TYR A 464 -39.81 -13.71 -2.16
N THR A 465 -39.19 -12.90 -3.01
CA THR A 465 -39.84 -12.49 -4.26
C THR A 465 -39.77 -13.56 -5.34
N ALA A 466 -40.60 -13.40 -6.36
CA ALA A 466 -40.55 -14.25 -7.55
C ALA A 466 -39.16 -14.27 -8.21
N GLU A 467 -38.53 -13.10 -8.32
CA GLU A 467 -37.17 -13.00 -8.85
C GLU A 467 -36.21 -13.84 -8.02
N GLU A 468 -36.35 -13.74 -6.70
CA GLU A 468 -35.48 -14.44 -5.78
C GLU A 468 -35.59 -15.96 -5.89
N LYS A 469 -36.81 -16.46 -6.13
CA LYS A 469 -37.01 -17.89 -6.33
C LYS A 469 -36.26 -18.38 -7.57
N ILE A 470 -36.44 -17.67 -8.68
CA ILE A 470 -35.73 -17.98 -9.90
C ILE A 470 -34.21 -17.96 -9.70
N PHE A 471 -33.73 -17.00 -8.91
CA PHE A 471 -32.30 -16.86 -8.62
C PHE A 471 -31.80 -18.08 -7.83
N ALA A 472 -32.55 -18.45 -6.79
CA ALA A 472 -32.24 -19.66 -6.04
C ALA A 472 -32.16 -20.89 -6.98
N GLN A 473 -33.07 -20.97 -7.95
CA GLN A 473 -33.06 -22.09 -8.87
C GLN A 473 -31.82 -22.09 -9.74
N ARG A 474 -31.39 -20.91 -10.17
CA ARG A 474 -30.13 -20.77 -10.91
C ARG A 474 -28.95 -21.30 -10.09
N LEU A 475 -28.88 -20.92 -8.81
CA LEU A 475 -27.75 -21.27 -7.95
C LEU A 475 -27.68 -22.77 -7.65
N MET A 476 -28.83 -23.34 -7.35
CA MET A 476 -28.94 -24.79 -7.14
C MET A 476 -28.47 -25.52 -8.38
N ARG A 477 -28.84 -25.01 -9.56
CA ARG A 477 -28.39 -25.60 -10.82
C ARG A 477 -26.87 -25.49 -11.01
N TYR A 478 -26.28 -24.33 -10.71
CA TYR A 478 -24.80 -24.22 -10.79
C TYR A 478 -24.14 -25.23 -9.86
N TRP A 479 -24.59 -25.27 -8.61
CA TRP A 479 -23.98 -26.14 -7.59
C TRP A 479 -24.11 -27.61 -7.96
N ALA A 480 -25.27 -27.99 -8.48
CA ALA A 480 -25.54 -29.39 -8.81
C ALA A 480 -24.83 -29.77 -10.10
N ASN A 481 -24.77 -28.84 -11.05
CA ASN A 481 -23.96 -29.03 -12.25
C ASN A 481 -22.52 -29.33 -11.87
N PHE A 482 -21.97 -28.52 -10.96
CA PHE A 482 -20.59 -28.73 -10.50
C PHE A 482 -20.42 -30.12 -9.88
N ALA A 483 -21.34 -30.50 -9.01
CA ALA A 483 -21.27 -31.81 -8.38
C ALA A 483 -21.31 -32.96 -9.40
N ARG A 484 -22.05 -32.75 -10.49
CA ARG A 484 -22.24 -33.81 -11.48
C ARG A 484 -21.09 -33.91 -12.47
N THR A 485 -20.49 -32.78 -12.83
CA THR A 485 -19.52 -32.74 -13.92
C THR A 485 -18.22 -32.01 -13.61
N GLY A 486 -18.14 -31.37 -12.45
CA GLY A 486 -16.99 -30.55 -12.13
C GLY A 486 -16.99 -29.21 -12.87
N ASP A 487 -18.14 -28.86 -13.43
CA ASP A 487 -18.30 -27.63 -14.20
C ASP A 487 -19.70 -27.04 -13.95
N PRO A 488 -19.79 -25.85 -13.34
CA PRO A 488 -21.10 -25.30 -12.99
C PRO A 488 -21.92 -24.87 -14.20
N ASN A 489 -21.25 -24.65 -15.33
CA ASN A 489 -21.93 -24.13 -16.52
C ASN A 489 -23.10 -24.96 -17.04
N GLU A 490 -24.14 -24.24 -17.46
CA GLU A 490 -25.24 -24.77 -18.24
C GLU A 490 -24.85 -24.79 -19.71
N PRO A 491 -25.60 -25.53 -20.55
CA PRO A 491 -25.38 -25.47 -22.01
C PRO A 491 -25.36 -24.05 -22.55
N ARG A 492 -24.42 -23.77 -23.47
CA ARG A 492 -24.14 -22.42 -23.95
C ARG A 492 -25.38 -21.66 -24.44
N ASP A 493 -25.42 -20.36 -24.12
CA ASP A 493 -26.54 -19.49 -24.43
C ASP A 493 -26.19 -18.05 -24.04
N PRO A 497 -24.35 -16.72 -21.01
CA PRO A 497 -23.00 -16.18 -20.73
C PRO A 497 -22.22 -17.16 -19.85
N GLN A 498 -20.98 -17.48 -20.23
CA GLN A 498 -20.26 -18.58 -19.59
C GLN A 498 -19.44 -18.17 -18.37
N TRP A 499 -19.34 -19.10 -17.42
CA TRP A 499 -18.54 -18.97 -16.22
C TRP A 499 -17.18 -19.58 -16.48
N PRO A 500 -16.15 -18.73 -16.65
CA PRO A 500 -14.79 -19.19 -16.95
C PRO A 500 -14.04 -19.64 -15.70
N PRO A 501 -13.10 -20.56 -15.85
CA PRO A 501 -12.25 -20.98 -14.73
C PRO A 501 -11.38 -19.84 -14.19
N TYR A 502 -11.08 -19.89 -12.89
CA TYR A 502 -10.20 -18.94 -12.26
C TYR A 502 -8.76 -19.39 -12.46
N THR A 503 -7.89 -18.47 -12.85
CA THR A 503 -6.46 -18.73 -12.99
C THR A 503 -5.63 -17.67 -12.28
N ALA A 504 -4.41 -18.02 -11.87
CA ALA A 504 -3.53 -17.07 -11.18
C ALA A 504 -3.29 -15.78 -11.95
N GLY A 505 -3.23 -15.87 -13.28
CA GLY A 505 -3.00 -14.70 -14.09
C GLY A 505 -4.24 -13.86 -14.35
N ALA A 506 -5.20 -14.44 -15.09
CA ALA A 506 -6.41 -13.70 -15.45
C ALA A 506 -7.35 -13.44 -14.26
N GLN A 507 -7.33 -14.34 -13.27
CA GLN A 507 -8.06 -14.13 -12.01
C GLN A 507 -9.55 -13.88 -12.21
N GLN A 508 -10.15 -14.59 -13.16
CA GLN A 508 -11.54 -14.34 -13.51
C GLN A 508 -12.53 -15.03 -12.57
N TYR A 509 -13.59 -14.31 -12.23
CA TYR A 509 -14.66 -14.85 -11.40
C TYR A 509 -15.98 -14.25 -11.89
N VAL A 510 -17.12 -14.76 -11.40
CA VAL A 510 -18.39 -14.18 -11.79
C VAL A 510 -19.13 -13.54 -10.61
N SER A 511 -20.00 -12.59 -10.92
CA SER A 511 -20.90 -12.06 -9.90
C SER A 511 -22.19 -12.87 -9.91
N LEU A 512 -22.63 -13.29 -8.73
CA LEU A 512 -23.91 -13.98 -8.59
C LEU A 512 -24.94 -13.01 -8.01
N ASP A 513 -25.87 -12.55 -8.85
CA ASP A 513 -27.03 -11.79 -8.36
C ASP A 513 -28.22 -11.96 -9.30
N LEU A 514 -29.19 -11.06 -9.23
CA LEU A 514 -30.41 -11.19 -10.03
C LEU A 514 -30.15 -11.00 -11.52
N ARG A 515 -29.10 -10.23 -11.84
CA ARG A 515 -28.70 -10.00 -13.22
C ARG A 515 -28.00 -11.26 -13.74
N PRO A 516 -27.88 -11.39 -15.07
CA PRO A 516 -27.10 -12.50 -15.62
C PRO A 516 -25.62 -12.43 -15.21
N LEU A 517 -24.94 -13.57 -15.26
CA LEU A 517 -23.52 -13.66 -14.97
C LEU A 517 -22.69 -12.56 -15.63
N GLU A 518 -21.92 -11.85 -14.82
CA GLU A 518 -20.97 -10.88 -15.31
C GLU A 518 -19.59 -11.36 -14.89
N VAL A 519 -18.67 -11.44 -15.85
CA VAL A 519 -17.31 -11.89 -15.60
C VAL A 519 -16.41 -10.71 -15.24
N ARG A 520 -15.67 -10.84 -14.15
CA ARG A 520 -14.76 -9.80 -13.67
C ARG A 520 -13.42 -10.41 -13.36
N ARG A 521 -12.45 -9.54 -13.02
CA ARG A 521 -11.06 -9.95 -12.76
C ARG A 521 -10.60 -9.54 -11.36
N GLY A 522 -9.87 -10.44 -10.69
CA GLY A 522 -9.25 -10.11 -9.42
C GLY A 522 -10.16 -10.11 -8.20
N LEU A 523 -9.89 -11.04 -7.29
CA LEU A 523 -10.55 -11.07 -6.00
C LEU A 523 -9.82 -10.10 -5.06
N ARG A 524 -10.18 -8.82 -5.16
N ARG A 524 -10.16 -8.82 -5.17
CA ARG A 524 -9.53 -7.76 -4.40
CA ARG A 524 -9.52 -7.79 -4.35
C ARG A 524 -8.01 -7.86 -4.47
C ARG A 524 -8.00 -7.86 -4.46
N ALA A 525 -7.50 -7.94 -5.70
CA ALA A 525 -6.09 -8.18 -5.97
C ALA A 525 -5.12 -7.23 -5.26
N GLN A 526 -5.45 -5.93 -5.27
CA GLN A 526 -4.60 -4.95 -4.62
C GLN A 526 -4.51 -5.18 -3.12
N ALA A 527 -5.65 -5.41 -2.48
CA ALA A 527 -5.66 -5.65 -1.05
C ALA A 527 -5.01 -6.99 -0.72
N CYS A 528 -5.28 -8.01 -1.52
CA CYS A 528 -4.76 -9.35 -1.23
C CYS A 528 -3.25 -9.51 -1.48
N ALA A 529 -2.68 -8.67 -2.34
CA ALA A 529 -1.23 -8.62 -2.50
C ALA A 529 -0.62 -8.28 -1.16
N PHE A 530 -1.26 -7.36 -0.45
CA PHE A 530 -0.79 -6.96 0.88
C PHE A 530 -0.84 -8.13 1.85
N TRP A 531 -2.01 -8.76 2.03
CA TRP A 531 -2.16 -9.84 3.01
C TRP A 531 -1.37 -11.08 2.64
N ASN A 532 -1.32 -11.39 1.35
CA ASN A 532 -0.76 -12.65 0.89
C ASN A 532 0.73 -12.58 0.53
N ARG A 533 1.21 -11.44 0.04
CA ARG A 533 2.60 -11.33 -0.38
C ARG A 533 3.46 -10.53 0.59
N PHE A 534 3.02 -9.34 0.96
CA PHE A 534 3.84 -8.49 1.80
C PHE A 534 3.79 -8.76 3.30
N LEU A 535 2.60 -8.76 3.89
CA LEU A 535 2.48 -8.92 5.34
C LEU A 535 3.24 -10.11 5.95
N PRO A 536 3.21 -11.30 5.30
CA PRO A 536 4.02 -12.40 5.84
C PRO A 536 5.52 -12.07 5.91
N LYS A 537 6.06 -11.41 4.90
CA LYS A 537 7.47 -11.01 4.90
C LYS A 537 7.77 -10.12 6.10
N LEU A 538 6.89 -9.16 6.33
CA LEU A 538 7.01 -8.24 7.46
C LEU A 538 7.11 -9.00 8.77
N LEU A 539 6.12 -9.85 9.00
CA LEU A 539 6.04 -10.62 10.25
C LEU A 539 7.23 -11.55 10.52
N SER A 540 7.92 -11.97 9.46
CA SER A 540 9.12 -12.80 9.59
C SER A 540 10.37 -11.99 9.98
N ALA A 541 10.22 -10.67 10.11
CA ALA A 541 11.33 -9.79 10.45
C ALA A 541 10.96 -8.75 11.51
N GLU B 3 30.34 57.68 -21.03
CA GLU B 3 29.94 56.93 -19.84
C GLU B 3 28.45 57.11 -19.53
N ASP B 4 27.74 56.00 -19.32
CA ASP B 4 26.28 56.00 -19.06
C ASP B 4 25.98 55.79 -17.57
N ALA B 5 25.41 56.81 -16.93
CA ALA B 5 25.18 56.80 -15.48
C ALA B 5 24.33 55.62 -14.98
N GLU B 6 23.48 55.08 -15.85
CA GLU B 6 22.63 53.94 -15.46
C GLU B 6 23.47 52.68 -15.26
N LEU B 7 24.59 52.61 -15.97
CA LEU B 7 25.44 51.41 -15.96
C LEU B 7 26.60 51.51 -14.99
N LEU B 8 26.55 52.50 -14.10
CA LEU B 8 27.59 52.68 -13.09
C LEU B 8 26.98 52.64 -11.71
N VAL B 9 27.59 51.86 -10.83
CA VAL B 9 27.02 51.60 -9.52
C VAL B 9 28.15 51.44 -8.53
N THR B 10 27.96 51.96 -7.32
CA THR B 10 28.95 51.81 -6.27
C THR B 10 28.41 50.93 -5.17
N VAL B 11 29.09 49.82 -4.93
CA VAL B 11 28.74 48.91 -3.85
C VAL B 11 29.83 49.03 -2.81
N ARG B 12 29.64 48.40 -1.65
CA ARG B 12 30.59 48.54 -0.54
C ARG B 12 32.05 48.29 -0.92
N GLY B 13 32.27 47.44 -1.92
CA GLY B 13 33.63 47.01 -2.25
C GLY B 13 34.36 47.89 -3.25
N GLY B 14 33.63 48.78 -3.92
CA GLY B 14 34.20 49.56 -5.01
C GLY B 14 33.22 49.82 -6.12
N ARG B 15 33.70 50.37 -7.22
CA ARG B 15 32.84 50.78 -8.33
C ARG B 15 32.65 49.67 -9.36
N LEU B 16 31.48 49.67 -9.99
CA LEU B 16 31.12 48.68 -10.99
C LEU B 16 30.62 49.32 -12.26
N ARG B 17 30.94 48.70 -13.38
CA ARG B 17 30.41 49.08 -14.68
C ARG B 17 29.59 47.91 -15.22
N GLY B 18 28.36 48.19 -15.65
CA GLY B 18 27.49 47.15 -16.14
C GLY B 18 27.28 47.24 -17.64
N ILE B 19 26.21 46.64 -18.11
CA ILE B 19 25.94 46.53 -19.53
C ILE B 19 24.43 46.69 -19.77
N ARG B 20 24.06 47.27 -20.91
CA ARG B 20 22.66 47.46 -21.24
C ARG B 20 22.20 46.34 -22.17
N LEU B 21 21.19 45.59 -21.73
CA LEU B 21 20.72 44.42 -22.48
C LEU B 21 19.44 44.73 -23.25
N LYS B 22 19.41 44.32 -24.51
CA LYS B 22 18.19 44.34 -25.29
C LYS B 22 17.26 43.21 -24.85
N THR B 23 15.97 43.51 -24.70
CA THR B 23 14.95 42.46 -24.57
C THR B 23 13.75 42.84 -25.43
N PRO B 24 13.04 41.83 -25.97
CA PRO B 24 11.82 42.03 -26.77
C PRO B 24 10.85 43.10 -26.26
N GLY B 25 10.84 43.39 -24.96
CA GLY B 25 9.95 44.39 -24.43
C GLY B 25 10.62 45.66 -23.90
N GLY B 26 11.91 45.84 -24.18
CA GLY B 26 12.62 47.01 -23.70
C GLY B 26 13.96 46.71 -23.04
N PRO B 27 14.73 47.76 -22.72
CA PRO B 27 16.08 47.61 -22.16
C PRO B 27 16.11 47.21 -20.68
N VAL B 28 17.17 46.49 -20.31
CA VAL B 28 17.42 46.12 -18.92
C VAL B 28 18.89 46.39 -18.59
N SER B 29 19.19 46.84 -17.36
CA SER B 29 20.58 46.98 -16.94
C SER B 29 21.04 45.65 -16.33
N ALA B 30 22.19 45.17 -16.76
CA ALA B 30 22.76 43.95 -16.21
C ALA B 30 24.19 44.15 -15.70
N PHE B 31 24.42 43.67 -14.50
CA PHE B 31 25.75 43.67 -13.91
C PHE B 31 26.12 42.22 -13.66
N LEU B 32 26.88 41.65 -14.58
CA LEU B 32 27.17 40.22 -14.56
C LEU B 32 28.61 39.98 -14.15
N GLY B 33 28.83 39.02 -13.25
CA GLY B 33 30.18 38.70 -12.84
C GLY B 33 30.75 39.64 -11.80
N ILE B 34 29.94 39.94 -10.79
CA ILE B 34 30.39 40.71 -9.64
C ILE B 34 31.05 39.81 -8.60
N PRO B 35 32.32 40.08 -8.26
CA PRO B 35 32.99 39.28 -7.24
C PRO B 35 32.36 39.48 -5.86
N PHE B 36 31.98 38.39 -5.19
CA PHE B 36 31.43 38.54 -3.85
C PHE B 36 32.29 37.85 -2.79
N ALA B 37 33.23 37.04 -3.25
CA ALA B 37 34.17 36.37 -2.36
C ALA B 37 35.57 36.38 -2.97
N GLU B 38 36.59 36.25 -2.14
CA GLU B 38 37.94 35.96 -2.61
C GLU B 38 37.89 34.59 -3.27
N PRO B 39 38.66 34.40 -4.35
CA PRO B 39 38.69 33.11 -5.05
C PRO B 39 39.10 31.96 -4.13
N PRO B 40 38.26 30.93 -4.02
CA PRO B 40 38.57 29.79 -3.15
C PRO B 40 39.69 28.92 -3.75
N MET B 41 40.83 29.54 -4.06
CA MET B 41 41.92 28.89 -4.77
C MET B 41 42.92 28.27 -3.81
N GLY B 42 43.60 27.23 -4.28
CA GLY B 42 44.75 26.66 -3.59
C GLY B 42 44.52 26.31 -2.12
N PRO B 43 45.10 27.12 -1.21
CA PRO B 43 44.94 26.95 0.23
C PRO B 43 43.50 27.18 0.71
N ARG B 44 42.69 27.87 -0.10
CA ARG B 44 41.31 28.16 0.27
C ARG B 44 40.29 27.12 -0.22
N ARG B 45 40.76 26.10 -0.93
CA ARG B 45 39.89 25.01 -1.37
C ARG B 45 39.31 24.26 -0.16
N PHE B 46 38.01 23.97 -0.21
CA PHE B 46 37.25 23.34 0.89
C PHE B 46 36.96 24.25 2.09
N LEU B 47 37.49 25.47 2.08
CA LEU B 47 37.28 26.38 3.21
C LEU B 47 36.06 27.28 2.97
N PRO B 48 35.45 27.77 4.06
CA PRO B 48 34.34 28.72 3.91
C PRO B 48 34.80 29.93 3.10
N PRO B 49 33.87 30.58 2.38
CA PRO B 49 34.29 31.70 1.55
C PRO B 49 34.70 32.91 2.40
N GLU B 50 35.73 33.64 1.95
CA GLU B 50 36.11 34.89 2.60
C GLU B 50 35.46 36.03 1.80
N PRO B 51 34.98 37.07 2.50
CA PRO B 51 34.41 38.22 1.79
C PRO B 51 35.43 38.90 0.85
N LYS B 52 34.95 39.35 -0.31
CA LYS B 52 35.77 40.04 -1.29
C LYS B 52 36.37 41.32 -0.72
N GLN B 53 37.69 41.45 -0.82
CA GLN B 53 38.38 42.69 -0.42
C GLN B 53 37.99 43.85 -1.32
N PRO B 54 37.81 45.05 -0.74
CA PRO B 54 37.51 46.25 -1.54
C PRO B 54 38.56 46.50 -2.62
N TRP B 55 38.18 47.17 -3.69
CA TRP B 55 39.08 47.40 -4.82
C TRP B 55 39.01 48.85 -5.27
N SER B 56 40.12 49.33 -5.85
CA SER B 56 40.15 50.67 -6.42
C SER B 56 39.81 50.59 -7.91
N GLY B 57 39.28 51.69 -8.46
CA GLY B 57 38.93 51.70 -9.86
C GLY B 57 37.62 50.99 -10.12
N VAL B 58 37.36 50.67 -11.39
CA VAL B 58 36.07 50.14 -11.81
C VAL B 58 36.17 48.71 -12.33
N VAL B 59 35.44 47.81 -11.68
CA VAL B 59 35.33 46.43 -12.13
C VAL B 59 34.27 46.32 -13.21
N ASP B 60 34.62 45.75 -14.36
CA ASP B 60 33.65 45.54 -15.42
C ASP B 60 32.80 44.30 -15.13
N ALA B 61 31.53 44.51 -14.79
CA ALA B 61 30.57 43.42 -14.60
C ALA B 61 29.75 43.31 -15.86
N THR B 62 30.34 42.76 -16.91
CA THR B 62 29.77 42.94 -18.23
C THR B 62 29.57 41.59 -18.94
N THR B 63 29.92 40.51 -18.26
CA THR B 63 29.72 39.16 -18.80
C THR B 63 29.80 38.17 -17.65
N PHE B 64 29.18 37.00 -17.82
CA PHE B 64 29.19 35.96 -16.80
C PHE B 64 30.60 35.46 -16.56
N GLN B 65 30.93 35.21 -15.29
CA GLN B 65 32.23 34.63 -14.95
C GLN B 65 32.22 33.10 -15.10
N SER B 66 33.35 32.50 -14.75
CA SER B 66 33.55 31.07 -14.93
C SER B 66 32.54 30.22 -14.19
N VAL B 67 32.30 29.02 -14.72
CA VAL B 67 31.51 28.01 -14.05
C VAL B 67 32.36 27.32 -12.98
N CYS B 68 31.83 27.16 -11.77
CA CYS B 68 32.56 26.44 -10.72
C CYS B 68 32.90 25.05 -11.21
N TYR B 69 34.13 24.62 -10.94
CA TYR B 69 34.60 23.32 -11.40
C TYR B 69 33.63 22.19 -11.08
N GLN B 70 33.29 21.41 -12.10
CA GLN B 70 32.24 20.43 -11.98
C GLN B 70 32.32 19.39 -13.08
N TYR B 71 31.72 18.24 -12.79
CA TYR B 71 31.52 17.20 -13.76
C TYR B 71 30.70 17.70 -14.94
N VAL B 72 31.02 17.23 -16.14
CA VAL B 72 30.29 17.59 -17.35
C VAL B 72 29.52 16.37 -17.83
N ASP B 73 28.24 16.55 -18.14
CA ASP B 73 27.39 15.43 -18.53
C ASP B 73 27.69 14.95 -19.95
N THR B 74 28.08 13.69 -20.08
CA THR B 74 28.41 13.12 -21.39
C THR B 74 27.53 11.93 -21.79
N LEU B 75 26.37 11.78 -21.14
CA LEU B 75 25.44 10.68 -21.42
C LEU B 75 25.00 10.64 -22.89
N TYR B 76 24.60 11.79 -23.42
CA TYR B 76 24.22 11.87 -24.82
C TYR B 76 24.95 13.02 -25.52
N PRO B 77 26.20 12.79 -25.96
CA PRO B 77 27.01 13.89 -26.52
C PRO B 77 26.33 14.53 -27.72
N GLY B 78 26.19 15.85 -27.71
CA GLY B 78 25.53 16.57 -28.80
C GLY B 78 24.06 16.83 -28.55
N PHE B 79 23.44 16.06 -27.65
CA PHE B 79 22.00 16.14 -27.41
C PHE B 79 21.66 17.39 -26.60
N GLU B 80 20.72 18.18 -27.12
CA GLU B 80 20.34 19.43 -26.48
C GLU B 80 19.80 19.25 -25.06
N GLY B 81 18.99 18.22 -24.85
CA GLY B 81 18.38 17.95 -23.55
C GLY B 81 19.35 17.81 -22.39
N THR B 82 20.56 17.33 -22.66
CA THR B 82 21.57 17.25 -21.61
C THR B 82 22.56 18.41 -21.64
N GLU B 83 22.96 18.84 -22.84
N GLU B 83 22.97 18.81 -22.85
CA GLU B 83 24.00 19.85 -22.97
CA GLU B 83 23.99 19.84 -23.01
C GLU B 83 23.53 21.25 -22.59
C GLU B 83 23.53 21.22 -22.55
N MET B 84 22.22 21.44 -22.53
CA MET B 84 21.66 22.72 -22.07
C MET B 84 21.97 22.96 -20.59
N TRP B 85 22.33 21.90 -19.86
CA TRP B 85 22.69 22.01 -18.45
C TRP B 85 24.22 22.07 -18.22
N ASN B 86 24.99 21.78 -19.27
CA ASN B 86 26.45 21.74 -19.19
C ASN B 86 27.08 23.15 -19.17
N PRO B 87 28.29 23.28 -18.59
CA PRO B 87 28.95 24.59 -18.49
C PRO B 87 29.06 25.32 -19.82
N ASN B 88 28.74 26.60 -19.80
CA ASN B 88 28.86 27.43 -20.99
C ASN B 88 29.85 28.57 -20.75
N ARG B 89 30.73 28.36 -19.76
CA ARG B 89 31.93 29.17 -19.59
C ARG B 89 33.01 28.20 -19.16
N GLU B 90 34.24 28.68 -19.12
CA GLU B 90 35.36 27.83 -18.73
C GLU B 90 35.19 27.40 -17.29
N LEU B 91 35.64 26.18 -16.98
CA LEU B 91 35.67 25.71 -15.61
C LEU B 91 36.79 26.36 -14.82
N SER B 92 36.52 26.73 -13.58
CA SER B 92 37.54 27.29 -12.71
C SER B 92 37.09 27.25 -11.25
N GLU B 93 38.04 27.06 -10.34
CA GLU B 93 37.76 27.24 -8.91
C GLU B 93 37.62 28.72 -8.55
N ASP B 94 38.03 29.60 -9.46
CA ASP B 94 37.79 31.04 -9.30
C ASP B 94 36.40 31.35 -9.86
N CYS B 95 35.36 31.11 -9.08
CA CYS B 95 33.99 31.18 -9.62
C CYS B 95 32.99 31.92 -8.76
N LEU B 96 33.43 32.47 -7.63
CA LEU B 96 32.48 33.10 -6.71
C LEU B 96 32.05 34.50 -7.14
N TYR B 97 31.19 34.53 -8.16
CA TYR B 97 30.64 35.75 -8.74
C TYR B 97 29.12 35.70 -8.79
N LEU B 98 28.47 36.85 -8.57
CA LEU B 98 27.03 36.93 -8.70
C LEU B 98 26.61 37.93 -9.77
N ASN B 99 25.32 37.88 -10.12
CA ASN B 99 24.78 38.70 -11.19
C ASN B 99 23.58 39.49 -10.70
N VAL B 100 23.43 40.73 -11.16
CA VAL B 100 22.26 41.53 -10.82
C VAL B 100 21.64 42.08 -12.09
N TRP B 101 20.32 41.88 -12.25
CA TRP B 101 19.58 42.52 -13.33
C TRP B 101 18.59 43.51 -12.73
N THR B 102 18.48 44.69 -13.32
CA THR B 102 17.63 45.74 -12.80
C THR B 102 16.98 46.44 -13.98
N PRO B 103 15.79 47.04 -13.79
CA PRO B 103 15.12 47.71 -14.90
C PRO B 103 15.89 48.94 -15.43
N TYR B 104 15.61 49.31 -16.68
CA TYR B 104 16.22 50.48 -17.31
C TYR B 104 15.15 51.50 -17.68
N PRO B 105 15.15 52.66 -17.01
CA PRO B 105 16.16 53.08 -16.04
C PRO B 105 15.96 52.47 -14.66
N ARG B 106 16.98 52.61 -13.83
CA ARG B 106 17.00 52.08 -12.48
C ARG B 106 15.79 52.56 -11.68
N PRO B 107 15.12 51.64 -10.98
CA PRO B 107 13.94 51.96 -10.17
C PRO B 107 14.16 53.17 -9.28
N THR B 108 13.13 53.98 -9.10
CA THR B 108 13.22 55.17 -8.27
C THR B 108 12.94 54.85 -6.81
N SER B 109 11.94 54.01 -6.58
CA SER B 109 11.60 53.54 -5.25
C SER B 109 12.04 52.08 -5.10
N PRO B 110 12.37 51.66 -3.87
CA PRO B 110 12.82 50.29 -3.56
C PRO B 110 11.93 49.21 -4.21
N THR B 111 12.58 48.30 -4.93
CA THR B 111 11.91 47.27 -5.73
C THR B 111 12.20 45.88 -5.16
N PRO B 112 11.16 45.04 -5.05
CA PRO B 112 11.32 43.65 -4.58
C PRO B 112 12.37 42.86 -5.36
N VAL B 113 13.06 41.97 -4.65
CA VAL B 113 14.19 41.25 -5.21
C VAL B 113 13.97 39.74 -5.27
N LEU B 114 14.13 39.16 -6.46
CA LEU B 114 14.19 37.72 -6.62
C LEU B 114 15.65 37.22 -6.66
N VAL B 115 15.99 36.25 -5.82
CA VAL B 115 17.32 35.63 -5.85
C VAL B 115 17.28 34.16 -6.28
N TRP B 116 17.83 33.88 -7.46
CA TRP B 116 17.84 32.53 -8.03
C TRP B 116 19.01 31.66 -7.59
N ILE B 117 18.71 30.40 -7.25
CA ILE B 117 19.72 29.41 -6.91
C ILE B 117 19.57 28.16 -7.80
N TYR B 118 20.52 27.93 -8.70
CA TYR B 118 20.47 26.76 -9.57
C TYR B 118 20.65 25.48 -8.78
N GLY B 119 20.25 24.34 -9.35
CA GLY B 119 20.37 23.10 -8.61
C GLY B 119 20.59 21.77 -9.32
N GLY B 120 21.72 21.63 -10.01
CA GLY B 120 22.09 20.33 -10.55
C GLY B 120 22.69 19.39 -9.52
N GLY B 121 21.85 18.96 -8.57
CA GLY B 121 22.22 17.91 -7.63
C GLY B 121 23.40 18.20 -6.73
N PHE B 122 23.69 19.49 -6.54
CA PHE B 122 24.86 19.94 -5.78
C PHE B 122 26.20 19.57 -6.46
N TYR B 123 26.14 19.03 -7.67
CA TYR B 123 27.35 18.67 -8.43
C TYR B 123 27.53 19.45 -9.74
N SER B 124 26.54 20.21 -10.15
CA SER B 124 26.58 20.93 -11.42
C SER B 124 25.62 22.11 -11.42
N GLY B 125 25.67 22.89 -12.50
CA GLY B 125 24.89 24.09 -12.62
C GLY B 125 25.76 25.33 -12.63
N ALA B 126 25.19 26.44 -13.10
CA ALA B 126 25.88 27.71 -13.14
C ALA B 126 24.88 28.81 -13.42
N SER B 127 25.14 30.02 -12.92
CA SER B 127 24.20 31.11 -13.10
C SER B 127 24.18 31.60 -14.55
N SER B 128 25.14 31.14 -15.34
CA SER B 128 25.25 31.60 -16.73
C SER B 128 24.42 30.81 -17.74
N LEU B 129 23.83 29.69 -17.32
CA LEU B 129 23.06 28.87 -18.24
C LEU B 129 22.01 29.71 -18.97
N ASP B 130 21.80 29.43 -20.26
CA ASP B 130 20.88 30.22 -21.07
C ASP B 130 19.48 30.25 -20.47
N VAL B 131 19.09 29.14 -19.86
CA VAL B 131 17.76 28.98 -19.30
C VAL B 131 17.57 29.80 -18.00
N TYR B 132 18.64 30.38 -17.48
CA TYR B 132 18.55 31.20 -16.26
C TYR B 132 18.73 32.69 -16.58
N ASP B 133 18.61 33.03 -17.87
CA ASP B 133 18.72 34.42 -18.30
C ASP B 133 17.66 35.27 -17.63
N GLY B 134 18.11 36.22 -16.81
CA GLY B 134 17.20 37.03 -16.02
C GLY B 134 16.57 38.21 -16.72
N ARG B 135 16.96 38.47 -17.97
CA ARG B 135 16.52 39.67 -18.65
C ARG B 135 14.99 39.71 -18.83
N PHE B 136 14.38 38.57 -19.13
CA PHE B 136 12.94 38.54 -19.41
C PHE B 136 12.06 38.76 -18.18
N LEU B 137 12.40 38.12 -17.07
CA LEU B 137 11.70 38.36 -15.82
C LEU B 137 11.73 39.82 -15.42
N VAL B 138 12.92 40.41 -15.44
CA VAL B 138 13.12 41.79 -14.99
C VAL B 138 12.34 42.79 -15.84
N GLN B 139 12.39 42.59 -17.15
CA GLN B 139 11.62 43.39 -18.08
C GLN B 139 10.09 43.27 -17.85
N ALA B 140 9.56 42.04 -17.88
CA ALA B 140 8.12 41.82 -17.71
C ALA B 140 7.56 42.36 -16.39
N GLU B 141 8.26 42.11 -15.29
CA GLU B 141 7.67 42.34 -13.98
C GLU B 141 8.33 43.43 -13.13
N ARG B 142 9.38 44.05 -13.65
CA ARG B 142 10.06 45.15 -12.95
C ARG B 142 10.46 44.79 -11.52
N THR B 143 11.03 43.61 -11.34
CA THR B 143 11.71 43.29 -10.09
C THR B 143 13.22 43.39 -10.33
N VAL B 144 13.98 43.34 -9.24
CA VAL B 144 15.42 43.13 -9.38
C VAL B 144 15.68 41.63 -9.25
N LEU B 145 16.52 41.10 -10.12
CA LEU B 145 16.87 39.69 -10.08
C LEU B 145 18.35 39.50 -9.76
N VAL B 146 18.65 38.63 -8.80
CA VAL B 146 20.01 38.27 -8.46
C VAL B 146 20.21 36.76 -8.61
N SER B 147 21.34 36.36 -9.19
CA SER B 147 21.74 34.94 -9.16
C SER B 147 23.21 34.84 -8.82
N MET B 148 23.60 33.76 -8.16
CA MET B 148 25.01 33.59 -7.79
C MET B 148 25.53 32.23 -8.20
N ASN B 149 26.84 32.16 -8.44
CA ASN B 149 27.52 30.88 -8.53
C ASN B 149 27.94 30.43 -7.13
N TYR B 150 27.90 29.12 -6.89
CA TYR B 150 28.36 28.58 -5.62
C TYR B 150 29.08 27.27 -5.90
N ARG B 151 30.05 26.93 -5.06
CA ARG B 151 30.84 25.72 -5.29
C ARG B 151 29.99 24.45 -5.21
N VAL B 152 30.21 23.56 -6.17
CA VAL B 152 29.50 22.31 -6.25
C VAL B 152 30.50 21.16 -6.16
N GLY B 153 29.99 19.94 -6.11
CA GLY B 153 30.84 18.77 -6.01
C GLY B 153 31.74 18.78 -4.78
N ALA B 154 32.88 18.11 -4.89
CA ALA B 154 33.84 18.10 -3.79
C ALA B 154 34.22 19.50 -3.31
N PHE B 155 34.33 20.45 -4.24
CA PHE B 155 34.82 21.78 -3.89
C PHE B 155 33.82 22.51 -3.01
N GLY B 156 32.55 22.14 -3.15
CA GLY B 156 31.50 22.76 -2.36
C GLY B 156 31.06 21.99 -1.13
N PHE B 157 31.20 20.66 -1.17
CA PHE B 157 30.51 19.82 -0.18
C PHE B 157 31.29 18.63 0.36
N LEU B 158 32.55 18.48 -0.02
CA LEU B 158 33.36 17.43 0.58
C LEU B 158 33.49 17.81 2.05
N ALA B 159 33.27 16.83 2.92
CA ALA B 159 33.26 17.11 4.34
C ALA B 159 34.05 16.07 5.09
N LEU B 160 34.92 16.54 5.97
CA LEU B 160 35.49 15.69 7.00
C LEU B 160 35.03 16.33 8.30
N PRO B 161 33.82 15.97 8.73
CA PRO B 161 33.12 16.64 9.83
C PRO B 161 34.01 16.74 11.05
N GLY B 162 33.96 17.88 11.74
CA GLY B 162 34.82 18.13 12.88
C GLY B 162 36.08 18.94 12.55
N SER B 163 36.62 18.74 11.34
CA SER B 163 37.88 19.39 10.96
C SER B 163 37.71 20.83 10.51
N ARG B 164 38.72 21.65 10.75
CA ARG B 164 38.69 23.04 10.32
C ARG B 164 39.01 23.15 8.83
N GLU B 165 39.72 22.16 8.31
CA GLU B 165 40.25 22.24 6.94
C GLU B 165 39.25 21.85 5.86
N ALA B 166 38.18 21.14 6.24
CA ALA B 166 37.13 20.77 5.31
C ALA B 166 35.85 20.50 6.08
N PRO B 167 35.23 21.58 6.61
CA PRO B 167 34.11 21.45 7.54
C PRO B 167 32.81 21.02 6.90
N GLY B 168 32.75 21.06 5.58
CA GLY B 168 31.54 20.77 4.84
C GLY B 168 30.66 21.99 4.65
N ASN B 169 29.65 21.85 3.78
CA ASN B 169 28.65 22.89 3.55
C ASN B 169 29.17 24.24 3.04
N VAL B 170 30.40 24.29 2.52
CA VAL B 170 30.94 25.59 2.07
C VAL B 170 30.18 26.15 0.85
N GLY B 171 29.66 25.26 0.02
CA GLY B 171 28.77 25.68 -1.05
C GLY B 171 27.54 26.43 -0.55
N LEU B 172 27.01 26.03 0.61
CA LEU B 172 25.86 26.72 1.18
C LEU B 172 26.32 28.03 1.79
N LEU B 173 27.53 28.01 2.37
CA LEU B 173 28.15 29.26 2.85
C LEU B 173 28.38 30.26 1.72
N ASP B 174 28.72 29.76 0.52
CA ASP B 174 28.83 30.64 -0.65
C ASP B 174 27.50 31.32 -0.92
N GLN B 175 26.43 30.54 -0.88
CA GLN B 175 25.09 31.08 -1.09
C GLN B 175 24.74 32.14 -0.05
N ARG B 176 25.02 31.84 1.22
CA ARG B 176 24.74 32.77 2.30
C ARG B 176 25.52 34.09 2.16
N LEU B 177 26.80 33.98 1.79
CA LEU B 177 27.63 35.18 1.59
C LEU B 177 27.00 36.05 0.50
N ALA B 178 26.55 35.43 -0.58
CA ALA B 178 25.86 36.16 -1.64
C ALA B 178 24.60 36.87 -1.13
N LEU B 179 23.85 36.21 -0.25
CA LEU B 179 22.63 36.81 0.33
C LEU B 179 22.95 37.97 1.26
N GLN B 180 24.01 37.83 2.04
CA GLN B 180 24.57 38.94 2.82
C GLN B 180 24.95 40.13 1.93
N TRP B 181 25.54 39.80 0.78
CA TRP B 181 25.89 40.82 -0.20
C TRP B 181 24.66 41.56 -0.70
N VAL B 182 23.59 40.80 -0.96
CA VAL B 182 22.32 41.36 -1.41
C VAL B 182 21.75 42.34 -0.37
N GLN B 183 21.82 41.96 0.90
CA GLN B 183 21.38 42.85 1.97
C GLN B 183 22.18 44.15 1.98
N GLU B 184 23.50 44.03 1.94
CA GLU B 184 24.37 45.20 2.00
C GLU B 184 24.34 46.07 0.73
N ASN B 185 24.05 45.47 -0.43
CA ASN B 185 24.28 46.17 -1.69
C ASN B 185 23.14 46.37 -2.67
N VAL B 186 22.04 45.62 -2.51
CA VAL B 186 21.03 45.58 -3.56
C VAL B 186 20.30 46.93 -3.68
N ALA B 187 20.32 47.70 -2.60
CA ALA B 187 19.70 49.03 -2.61
C ALA B 187 20.33 49.92 -3.66
N ALA B 188 21.64 49.74 -3.87
CA ALA B 188 22.38 50.53 -4.85
C ALA B 188 21.88 50.30 -6.26
N PHE B 189 21.21 49.16 -6.49
CA PHE B 189 20.66 48.88 -7.80
C PHE B 189 19.17 49.19 -7.86
N GLY B 190 18.64 49.73 -6.75
CA GLY B 190 17.23 50.06 -6.68
C GLY B 190 16.40 48.94 -6.06
N GLY B 191 17.09 47.97 -5.48
CA GLY B 191 16.42 46.83 -4.88
C GLY B 191 16.09 47.05 -3.42
N ASP B 192 15.07 46.32 -2.95
CA ASP B 192 14.59 46.45 -1.60
C ASP B 192 15.10 45.30 -0.74
N PRO B 193 16.09 45.55 0.12
CA PRO B 193 16.64 44.50 0.98
C PRO B 193 15.65 44.00 2.05
N THR B 194 14.49 44.65 2.15
CA THR B 194 13.45 44.22 3.08
C THR B 194 12.38 43.40 2.37
N SER B 195 12.55 43.20 1.06
CA SER B 195 11.66 42.32 0.30
C SER B 195 12.46 41.39 -0.62
N VAL B 196 13.11 40.40 -0.02
CA VAL B 196 13.90 39.46 -0.78
C VAL B 196 13.28 38.06 -0.81
N THR B 197 12.95 37.60 -2.01
CA THR B 197 12.38 36.27 -2.22
C THR B 197 13.38 35.32 -2.86
N LEU B 198 13.73 34.25 -2.15
CA LEU B 198 14.60 33.23 -2.71
C LEU B 198 13.80 32.26 -3.56
N PHE B 199 14.35 31.87 -4.70
CA PHE B 199 13.76 30.75 -5.43
C PHE B 199 14.82 29.86 -6.07
N GLY B 200 14.52 28.56 -6.13
CA GLY B 200 15.44 27.58 -6.64
C GLY B 200 14.71 26.33 -7.10
N GLU B 201 15.40 25.55 -7.91
CA GLU B 201 14.82 24.34 -8.48
C GLU B 201 15.80 23.21 -8.23
N SER B 202 15.26 22.03 -7.95
CA SER B 202 16.04 20.83 -7.61
C SER B 202 16.94 21.09 -6.39
N ALA B 203 18.26 20.90 -6.55
CA ALA B 203 19.17 21.20 -5.43
C ALA B 203 19.08 22.65 -4.99
N GLY B 204 18.71 23.53 -5.91
CA GLY B 204 18.46 24.92 -5.57
C GLY B 204 17.28 25.07 -4.64
N ALA B 205 16.23 24.28 -4.89
CA ALA B 205 15.06 24.28 -4.04
C ALA B 205 15.43 23.76 -2.66
N ALA B 206 16.15 22.65 -2.64
CA ALA B 206 16.65 22.09 -1.38
C ALA B 206 17.53 23.13 -0.64
N SER B 207 18.38 23.85 -1.39
CA SER B 207 19.20 24.91 -0.79
C SER B 207 18.32 25.98 -0.13
N VAL B 208 17.30 26.43 -0.88
CA VAL B 208 16.37 27.42 -0.33
C VAL B 208 15.79 26.93 0.99
N GLY B 209 15.38 25.67 1.03
CA GLY B 209 14.86 25.05 2.23
C GLY B 209 15.85 25.08 3.38
N MET B 210 17.12 24.79 3.09
CA MET B 210 18.13 24.82 4.14
C MET B 210 18.37 26.22 4.70
N HIS B 211 18.24 27.24 3.86
CA HIS B 211 18.35 28.61 4.36
C HIS B 211 17.17 28.92 5.29
N LEU B 212 16.00 28.35 5.00
CA LEU B 212 14.84 28.47 5.88
C LEU B 212 15.08 27.85 7.25
N LEU B 213 15.85 26.77 7.28
CA LEU B 213 16.08 25.98 8.50
C LEU B 213 17.40 26.32 9.19
N SER B 214 18.07 27.36 8.74
CA SER B 214 19.36 27.76 9.33
C SER B 214 19.27 29.22 9.73
N PRO B 215 19.18 29.49 11.05
CA PRO B 215 18.92 30.84 11.57
C PRO B 215 19.82 31.98 11.02
N PRO B 216 21.14 31.77 10.84
CA PRO B 216 21.89 32.90 10.29
C PRO B 216 21.46 33.26 8.86
N SER B 217 20.94 32.30 8.10
CA SER B 217 20.46 32.59 6.75
C SER B 217 19.09 33.21 6.79
N ARG B 218 18.32 32.84 7.80
CA ARG B 218 16.89 33.13 7.85
C ARG B 218 16.60 34.64 7.86
N GLY B 219 17.49 35.41 8.47
CA GLY B 219 17.34 36.85 8.48
C GLY B 219 17.66 37.58 7.18
N LEU B 220 18.10 36.86 6.15
CA LEU B 220 18.54 37.51 4.91
C LEU B 220 17.47 37.50 3.80
N PHE B 221 16.32 36.88 4.08
CA PHE B 221 15.24 36.86 3.12
C PHE B 221 13.88 36.77 3.81
N HIS B 222 12.81 36.95 3.05
CA HIS B 222 11.46 37.04 3.62
C HIS B 222 10.50 35.99 3.08
N ARG B 223 10.73 35.53 1.86
CA ARG B 223 9.89 34.52 1.25
C ARG B 223 10.71 33.47 0.51
N ALA B 224 10.08 32.36 0.19
CA ALA B 224 10.78 31.25 -0.43
C ALA B 224 9.94 30.58 -1.50
N VAL B 225 10.61 30.10 -2.54
CA VAL B 225 9.98 29.32 -3.60
C VAL B 225 10.82 28.07 -3.87
N LEU B 226 10.23 26.90 -3.65
CA LEU B 226 10.93 25.63 -3.85
C LEU B 226 10.32 24.87 -4.99
N GLN B 227 11.06 24.77 -6.10
CA GLN B 227 10.58 24.11 -7.30
C GLN B 227 11.21 22.75 -7.41
N SER B 228 10.37 21.71 -7.34
CA SER B 228 10.82 20.33 -7.52
C SER B 228 11.99 19.93 -6.62
N GLY B 229 11.99 20.37 -5.37
CA GLY B 229 13.02 19.95 -4.44
C GLY B 229 12.70 20.39 -3.04
N ALA B 230 13.33 19.74 -2.07
CA ALA B 230 13.07 19.99 -0.67
C ALA B 230 14.30 19.60 0.12
N PRO B 231 14.57 20.30 1.23
CA PRO B 231 15.79 20.02 1.99
C PRO B 231 15.73 18.66 2.66
N ASN B 232 14.53 18.11 2.81
CA ASN B 232 14.35 16.79 3.41
C ASN B 232 14.39 15.62 2.44
N GLY B 233 14.65 15.89 1.16
CA GLY B 233 14.81 14.81 0.20
C GLY B 233 15.95 13.87 0.58
N PRO B 234 15.78 12.55 0.31
CA PRO B 234 16.79 11.52 0.61
C PRO B 234 18.16 11.70 -0.09
N TRP B 235 18.22 12.61 -1.07
CA TRP B 235 19.46 12.86 -1.82
C TRP B 235 20.16 14.13 -1.35
N ALA B 236 19.45 14.95 -0.58
CA ALA B 236 19.81 16.34 -0.34
C ALA B 236 20.77 16.54 0.83
N THR B 237 20.81 15.58 1.74
CA THR B 237 21.76 15.63 2.82
C THR B 237 22.35 14.26 3.01
N VAL B 238 23.44 14.22 3.77
CA VAL B 238 24.12 12.98 4.07
C VAL B 238 24.56 13.09 5.53
N GLY B 239 24.67 11.96 6.24
CA GLY B 239 25.13 12.00 7.62
C GLY B 239 26.63 12.29 7.72
N MET B 240 27.09 12.61 8.92
CA MET B 240 28.50 12.91 9.16
C MET B 240 29.41 11.75 8.78
N GLY B 241 29.03 10.55 9.19
CA GLY B 241 29.84 9.38 8.94
C GLY B 241 29.93 9.03 7.47
N GLU B 242 28.84 9.20 6.74
CA GLU B 242 28.84 8.86 5.32
C GLU B 242 29.58 9.93 4.51
N ALA B 243 29.51 11.18 4.95
CA ALA B 243 30.28 12.25 4.31
C ALA B 243 31.77 11.98 4.50
N ARG B 244 32.14 11.56 5.71
CA ARG B 244 33.53 11.22 6.00
C ARG B 244 34.01 10.06 5.16
N ARG B 245 33.19 9.02 5.03
CA ARG B 245 33.55 7.84 4.25
C ARG B 245 33.77 8.20 2.79
N ARG B 246 32.89 9.03 2.24
CA ARG B 246 32.97 9.47 0.86
C ARG B 246 34.22 10.35 0.60
N ALA B 247 34.47 11.29 1.51
CA ALA B 247 35.63 12.17 1.43
C ALA B 247 36.88 11.31 1.47
N THR B 248 36.89 10.37 2.40
CA THR B 248 38.07 9.53 2.62
C THR B 248 38.33 8.62 1.41
N GLN B 249 37.28 8.06 0.83
CA GLN B 249 37.49 7.23 -0.35
C GLN B 249 37.98 8.03 -1.56
N LEU B 250 37.53 9.27 -1.69
CA LEU B 250 37.97 10.13 -2.78
C LEU B 250 39.48 10.35 -2.64
N ALA B 251 39.90 10.77 -1.45
CA ALA B 251 41.31 11.01 -1.16
C ALA B 251 42.10 9.77 -1.50
N HIS B 252 41.64 8.63 -1.01
CA HIS B 252 42.29 7.35 -1.27
C HIS B 252 42.42 7.06 -2.77
N LEU B 253 41.39 7.40 -3.54
CA LEU B 253 41.41 7.13 -4.97
C LEU B 253 42.37 8.04 -5.76
N VAL B 254 42.78 9.14 -5.15
CA VAL B 254 43.69 10.08 -5.80
C VAL B 254 45.03 10.18 -5.06
N GLY B 255 45.32 9.18 -4.25
CA GLY B 255 46.61 9.05 -3.60
C GLY B 255 46.80 9.76 -2.27
N CYS B 256 45.72 9.99 -1.54
CA CYS B 256 45.83 10.68 -0.25
C CYS B 256 45.27 9.82 0.90
N PRO B 257 46.07 9.64 1.96
CA PRO B 257 47.45 10.12 2.01
C PRO B 257 48.33 9.05 1.38
N PRO B 258 49.58 9.40 1.01
CA PRO B 258 50.52 8.44 0.45
C PRO B 258 50.86 7.31 1.43
N THR B 261 44.85 5.90 3.54
CA THR B 261 43.46 6.06 3.96
C THR B 261 43.33 6.70 5.33
N GLY B 262 42.63 7.83 5.38
CA GLY B 262 42.39 8.52 6.64
C GLY B 262 43.64 9.14 7.23
N GLY B 263 43.78 9.06 8.55
CA GLY B 263 44.92 9.66 9.24
C GLY B 263 44.59 11.04 9.77
N ASN B 264 45.61 11.88 9.88
CA ASN B 264 45.45 13.28 10.26
C ASN B 264 44.52 13.95 9.25
N ASP B 265 43.44 14.59 9.73
CA ASP B 265 42.54 15.30 8.83
C ASP B 265 43.27 16.44 8.11
N THR B 266 44.04 17.21 8.86
CA THR B 266 44.81 18.32 8.30
C THR B 266 45.72 17.84 7.17
N GLU B 267 46.41 16.73 7.40
CA GLU B 267 47.30 16.17 6.41
C GLU B 267 46.56 15.65 5.17
N LEU B 268 45.41 15.01 5.39
CA LEU B 268 44.64 14.48 4.27
C LEU B 268 44.10 15.60 3.40
N VAL B 269 43.63 16.69 4.02
CA VAL B 269 43.09 17.80 3.25
C VAL B 269 44.22 18.53 2.52
N ALA B 270 45.37 18.68 3.17
CA ALA B 270 46.51 19.32 2.53
C ALA B 270 46.93 18.55 1.30
N CYS B 271 46.89 17.23 1.36
CA CYS B 271 47.19 16.41 0.20
C CYS B 271 46.12 16.56 -0.90
N LEU B 272 44.85 16.64 -0.52
CA LEU B 272 43.78 16.84 -1.50
C LEU B 272 43.93 18.19 -2.20
N ARG B 273 44.42 19.19 -1.48
CA ARG B 273 44.59 20.52 -2.04
C ARG B 273 45.65 20.62 -3.13
N THR B 274 46.53 19.62 -3.23
CA THR B 274 47.58 19.65 -4.23
C THR B 274 47.14 18.95 -5.50
N ARG B 275 45.98 18.32 -5.47
CA ARG B 275 45.48 17.62 -6.65
C ARG B 275 44.80 18.59 -7.61
N PRO B 276 45.06 18.44 -8.92
CA PRO B 276 44.38 19.27 -9.92
C PRO B 276 42.87 19.05 -9.81
N ALA B 277 42.11 20.13 -9.95
CA ALA B 277 40.66 20.08 -9.92
C ALA B 277 40.07 18.91 -10.70
N GLN B 278 40.48 18.76 -11.95
CA GLN B 278 39.92 17.73 -12.82
C GLN B 278 40.21 16.32 -12.33
N VAL B 279 41.28 16.15 -11.56
CA VAL B 279 41.57 14.85 -10.97
C VAL B 279 40.50 14.46 -9.94
N LEU B 280 40.13 15.40 -9.08
CA LEU B 280 39.07 15.15 -8.11
C LEU B 280 37.74 14.83 -8.82
N VAL B 281 37.37 15.66 -9.79
CA VAL B 281 36.15 15.44 -10.60
C VAL B 281 36.09 14.07 -11.28
N ASN B 282 37.23 13.58 -11.77
CA ASN B 282 37.27 12.29 -12.48
C ASN B 282 36.86 11.11 -11.61
N HIS B 283 36.91 11.29 -10.30
CA HIS B 283 36.63 10.19 -9.38
C HIS B 283 35.38 10.42 -8.52
N GLU B 284 34.68 11.52 -8.77
CA GLU B 284 33.50 11.92 -8.00
C GLU B 284 32.45 10.80 -7.84
N TRP B 285 32.02 10.24 -8.96
CA TRP B 285 30.96 9.24 -8.97
C TRP B 285 31.34 7.89 -8.36
N HIS B 286 32.63 7.71 -8.09
CA HIS B 286 33.15 6.44 -7.60
C HIS B 286 32.97 6.24 -6.09
N VAL B 287 32.66 7.30 -5.37
CA VAL B 287 32.50 7.18 -3.92
C VAL B 287 31.09 6.82 -3.46
N LEU B 288 30.14 6.76 -4.39
CA LEU B 288 28.78 6.36 -4.04
C LEU B 288 28.73 4.88 -3.65
N PRO B 289 28.03 4.56 -2.56
CA PRO B 289 27.98 3.21 -1.99
C PRO B 289 27.36 2.14 -2.90
N GLN B 290 26.56 2.55 -3.89
CA GLN B 290 25.99 1.59 -4.82
C GLN B 290 25.58 2.28 -6.11
N GLU B 291 25.34 1.49 -7.15
CA GLU B 291 24.77 2.00 -8.39
C GLU B 291 23.37 2.54 -8.13
N SER B 292 23.11 3.75 -8.60
CA SER B 292 21.85 4.41 -8.30
C SER B 292 21.48 5.46 -9.36
N VAL B 293 20.32 6.09 -9.18
CA VAL B 293 19.97 7.30 -9.89
C VAL B 293 19.45 8.27 -8.84
N PHE B 294 19.52 9.57 -9.13
CA PHE B 294 19.10 10.59 -8.17
C PHE B 294 19.88 10.53 -6.84
N ARG B 295 21.14 10.11 -6.91
CA ARG B 295 22.04 10.21 -5.76
C ARG B 295 23.31 10.92 -6.18
N PHE B 296 23.81 11.79 -5.30
CA PHE B 296 24.96 12.62 -5.63
C PHE B 296 26.03 12.55 -4.53
N SER B 297 27.30 12.52 -4.92
CA SER B 297 28.38 12.18 -4.01
C SER B 297 28.59 13.17 -2.87
N PHE B 298 28.58 14.45 -3.21
CA PHE B 298 28.92 15.47 -2.24
C PHE B 298 27.78 16.47 -2.12
N VAL B 299 27.12 16.43 -0.98
CA VAL B 299 25.89 17.20 -0.75
C VAL B 299 25.98 17.76 0.66
N PRO B 300 25.06 18.67 1.04
CA PRO B 300 25.07 19.17 2.41
C PRO B 300 25.13 18.05 3.46
N VAL B 301 25.85 18.32 4.54
CA VAL B 301 26.07 17.37 5.59
C VAL B 301 25.40 17.91 6.85
N VAL B 302 24.73 17.03 7.59
CA VAL B 302 24.15 17.43 8.87
C VAL B 302 25.31 17.50 9.86
N ASP B 303 25.84 18.71 10.02
CA ASP B 303 27.11 18.94 10.72
C ASP B 303 26.91 19.43 12.15
N GLY B 304 25.68 19.77 12.50
CA GLY B 304 25.40 20.40 13.77
C GLY B 304 25.71 21.88 13.75
N ASP B 305 26.07 22.40 12.58
CA ASP B 305 26.47 23.81 12.45
C ASP B 305 25.55 24.62 11.54
N PHE B 306 25.71 24.48 10.22
CA PHE B 306 24.75 25.11 9.29
C PHE B 306 23.37 24.49 9.54
N LEU B 307 23.33 23.17 9.66
CA LEU B 307 22.13 22.43 10.03
C LEU B 307 22.30 21.81 11.41
N SER B 308 21.68 22.40 12.42
CA SER B 308 21.85 21.95 13.81
C SER B 308 21.34 20.52 14.05
N ASP B 309 20.43 20.07 13.19
CA ASP B 309 19.87 18.73 13.24
C ASP B 309 19.45 18.40 11.80
N THR B 310 18.89 17.21 11.59
CA THR B 310 18.39 16.83 10.26
C THR B 310 17.31 17.81 9.81
N PRO B 311 17.16 18.00 8.49
CA PRO B 311 16.13 18.93 8.01
C PRO B 311 14.73 18.45 8.41
N GLU B 312 14.55 17.14 8.52
CA GLU B 312 13.28 16.58 8.97
C GLU B 312 12.95 17.10 10.38
N ALA B 313 13.88 16.90 11.32
CA ALA B 313 13.72 17.39 12.69
C ALA B 313 13.49 18.90 12.76
N LEU B 314 14.24 19.65 11.96
CA LEU B 314 14.18 21.12 12.02
C LEU B 314 12.83 21.62 11.51
N ILE B 315 12.35 20.99 10.45
CA ILE B 315 11.04 21.29 9.90
C ILE B 315 9.97 21.04 10.97
N ASN B 316 10.06 19.91 11.65
CA ASN B 316 9.06 19.54 12.66
C ASN B 316 9.06 20.44 13.89
N ALA B 317 10.25 20.89 14.29
CA ALA B 317 10.37 21.72 15.49
C ALA B 317 10.15 23.20 15.18
N GLY B 318 9.92 23.51 13.92
CA GLY B 318 9.95 24.89 13.46
C GLY B 318 8.67 25.68 13.65
N ASP B 319 8.86 26.97 13.93
CA ASP B 319 7.76 27.92 13.96
C ASP B 319 7.89 28.78 12.71
N PHE B 320 6.88 28.72 11.84
CA PHE B 320 6.97 29.34 10.53
C PHE B 320 5.93 30.42 10.32
N HIS B 321 5.51 31.06 11.41
CA HIS B 321 4.57 32.16 11.31
C HIS B 321 5.23 33.37 10.62
N GLY B 322 4.48 34.03 9.74
CA GLY B 322 4.96 35.19 9.03
C GLY B 322 5.76 34.85 7.78
N LEU B 323 5.67 33.59 7.37
CA LEU B 323 6.40 33.11 6.21
C LEU B 323 5.44 32.75 5.09
N GLN B 324 5.75 33.20 3.87
CA GLN B 324 5.01 32.72 2.70
C GLN B 324 5.93 31.88 1.82
N VAL B 325 5.40 30.75 1.36
CA VAL B 325 6.18 29.80 0.59
C VAL B 325 5.38 29.37 -0.62
N LEU B 326 6.05 29.23 -1.75
CA LEU B 326 5.43 28.69 -2.95
C LEU B 326 6.20 27.44 -3.37
N VAL B 327 5.49 26.31 -3.44
CA VAL B 327 6.14 25.02 -3.71
C VAL B 327 5.43 24.29 -4.85
N GLY B 328 6.15 23.39 -5.50
CA GLY B 328 5.55 22.69 -6.62
C GLY B 328 6.44 21.63 -7.24
N VAL B 329 5.87 20.88 -8.17
CA VAL B 329 6.58 19.81 -8.83
C VAL B 329 6.17 19.85 -10.30
N VAL B 330 6.93 19.19 -11.17
CA VAL B 330 6.48 18.96 -12.54
C VAL B 330 5.64 17.67 -12.58
N LYS B 331 5.04 17.38 -13.72
CA LYS B 331 4.17 16.22 -13.84
C LYS B 331 4.94 14.90 -13.77
N ASP B 332 6.15 14.85 -14.30
CA ASP B 332 6.91 13.60 -14.34
C ASP B 332 8.31 13.76 -13.74
N GLU B 333 8.34 13.94 -12.43
CA GLU B 333 9.57 14.18 -11.69
C GLU B 333 10.64 13.11 -11.89
N GLY B 334 10.21 11.86 -12.10
CA GLY B 334 11.14 10.75 -12.14
C GLY B 334 11.80 10.40 -13.46
N SER B 335 11.16 10.75 -14.58
CA SER B 335 11.56 10.21 -15.88
C SER B 335 13.01 10.52 -16.29
N TYR B 336 13.41 11.78 -16.17
CA TYR B 336 14.77 12.21 -16.53
C TYR B 336 15.84 11.34 -15.89
N PHE B 337 15.62 10.95 -14.64
CA PHE B 337 16.65 10.23 -13.88
C PHE B 337 16.86 8.78 -14.29
N LEU B 338 15.82 8.18 -14.88
CA LEU B 338 15.84 6.75 -15.20
C LEU B 338 16.86 6.38 -16.30
N VAL B 339 17.17 7.30 -17.19
CA VAL B 339 18.09 6.99 -18.27
C VAL B 339 19.56 7.05 -17.83
N TYR B 340 19.76 7.29 -16.54
CA TYR B 340 21.10 7.36 -15.99
C TYR B 340 21.47 6.11 -15.20
N GLY B 341 20.78 5.00 -15.43
CA GLY B 341 21.15 3.78 -14.74
C GLY B 341 20.11 2.69 -14.58
N ALA B 342 18.83 3.03 -14.63
CA ALA B 342 17.80 2.02 -14.53
C ALA B 342 17.85 1.10 -15.74
N PRO B 343 18.01 -0.23 -15.50
CA PRO B 343 18.06 -1.21 -16.59
C PRO B 343 16.85 -1.09 -17.51
N GLY B 344 17.10 -1.07 -18.82
CA GLY B 344 16.04 -1.03 -19.81
C GLY B 344 15.66 0.36 -20.30
N PHE B 345 16.17 1.40 -19.65
CA PHE B 345 15.75 2.76 -19.98
C PHE B 345 16.70 3.49 -20.93
N SER B 346 16.12 4.24 -21.87
CA SER B 346 16.88 5.05 -22.81
C SER B 346 16.00 6.15 -23.39
N LYS B 347 16.59 7.30 -23.71
CA LYS B 347 15.83 8.35 -24.39
C LYS B 347 15.55 7.92 -25.83
N ASP B 348 16.32 6.94 -26.31
CA ASP B 348 16.30 6.55 -27.73
C ASP B 348 15.38 5.40 -28.08
N ASN B 349 14.73 4.80 -27.09
CA ASN B 349 13.63 3.86 -27.35
C ASN B 349 12.45 4.09 -26.39
N GLU B 350 11.40 3.29 -26.53
CA GLU B 350 10.20 3.48 -25.75
C GLU B 350 10.39 3.11 -24.27
N SER B 351 11.51 2.48 -23.94
CA SER B 351 11.80 2.10 -22.56
C SER B 351 10.67 1.26 -21.95
N LEU B 352 10.11 0.37 -22.77
CA LEU B 352 9.10 -0.57 -22.33
C LEU B 352 9.77 -1.74 -21.61
N ILE B 353 9.90 -1.64 -20.29
CA ILE B 353 10.69 -2.59 -19.52
C ILE B 353 9.93 -3.86 -19.08
N SER B 354 10.69 -4.89 -18.74
CA SER B 354 10.15 -6.13 -18.23
C SER B 354 10.00 -6.03 -16.71
N ARG B 355 9.28 -7.00 -16.15
CA ARG B 355 9.08 -7.08 -14.72
C ARG B 355 10.42 -7.24 -14.00
N ALA B 356 11.30 -8.06 -14.57
CA ALA B 356 12.60 -8.28 -13.96
C ALA B 356 13.42 -6.99 -13.96
N GLU B 357 13.29 -6.20 -15.03
CA GLU B 357 13.97 -4.90 -15.10
C GLU B 357 13.35 -3.90 -14.13
N PHE B 358 12.03 -3.98 -13.94
CA PHE B 358 11.36 -3.16 -12.96
C PHE B 358 11.87 -3.44 -11.55
N LEU B 359 11.91 -4.71 -11.18
CA LEU B 359 12.38 -5.09 -9.84
C LEU B 359 13.81 -4.64 -9.60
N ALA B 360 14.65 -4.75 -10.62
CA ALA B 360 16.04 -4.36 -10.49
C ALA B 360 16.14 -2.83 -10.40
N GLY B 361 15.29 -2.13 -11.16
CA GLY B 361 15.25 -0.69 -11.13
C GLY B 361 14.84 -0.13 -9.78
N VAL B 362 13.99 -0.86 -9.07
CA VAL B 362 13.56 -0.46 -7.74
C VAL B 362 14.76 -0.31 -6.80
N ARG B 363 15.73 -1.22 -6.89
CA ARG B 363 16.93 -1.14 -6.05
C ARG B 363 17.87 -0.02 -6.49
N VAL B 364 17.82 0.36 -7.76
CA VAL B 364 18.61 1.48 -8.27
C VAL B 364 17.96 2.80 -7.84
N GLY B 365 16.63 2.85 -7.97
CA GLY B 365 15.88 4.06 -7.68
C GLY B 365 15.65 4.31 -6.20
N VAL B 366 15.76 3.25 -5.40
CA VAL B 366 15.63 3.37 -3.95
C VAL B 366 16.83 2.68 -3.32
N PRO B 367 18.01 3.30 -3.43
CA PRO B 367 19.23 2.60 -3.03
C PRO B 367 19.38 2.50 -1.52
N GLN B 368 20.11 1.47 -1.10
CA GLN B 368 20.50 1.29 0.30
C GLN B 368 19.33 1.23 1.31
N VAL B 369 18.30 0.44 0.97
CA VAL B 369 17.27 0.08 1.94
C VAL B 369 17.22 -1.44 2.05
N SER B 370 16.63 -1.93 3.13
CA SER B 370 16.50 -3.38 3.32
C SER B 370 15.69 -4.03 2.20
N ASP B 371 15.89 -5.33 2.00
CA ASP B 371 15.05 -6.09 1.07
C ASP B 371 13.56 -5.94 1.40
N LEU B 372 13.25 -5.89 2.70
CA LEU B 372 11.86 -5.77 3.11
C LEU B 372 11.28 -4.44 2.62
N ALA B 373 12.07 -3.38 2.79
CA ALA B 373 11.67 -2.04 2.36
C ALA B 373 11.43 -2.02 0.85
N ALA B 374 12.34 -2.64 0.11
CA ALA B 374 12.18 -2.77 -1.34
C ALA B 374 10.90 -3.53 -1.69
N GLU B 375 10.62 -4.61 -0.94
CA GLU B 375 9.40 -5.38 -1.16
C GLU B 375 8.19 -4.49 -0.95
N ALA B 376 8.24 -3.62 0.06
CA ALA B 376 7.14 -2.70 0.31
C ALA B 376 6.91 -1.73 -0.85
N VAL B 377 8.01 -1.29 -1.47
CA VAL B 377 7.91 -0.42 -2.64
C VAL B 377 7.24 -1.16 -3.80
N VAL B 378 7.68 -2.39 -4.04
CA VAL B 378 7.10 -3.22 -5.09
C VAL B 378 5.61 -3.44 -4.86
N LEU B 379 5.22 -3.70 -3.62
CA LEU B 379 3.81 -3.88 -3.27
C LEU B 379 2.95 -2.70 -3.67
N HIS B 380 3.39 -1.50 -3.33
N HIS B 380 3.41 -1.50 -3.31
CA HIS B 380 2.58 -0.31 -3.55
CA HIS B 380 2.64 -0.29 -3.52
C HIS B 380 2.62 0.20 -5.00
C HIS B 380 2.56 0.06 -5.01
N TYR B 381 3.64 -0.20 -5.74
CA TYR B 381 3.75 0.28 -7.13
C TYR B 381 3.44 -0.77 -8.20
N THR B 382 3.14 -1.98 -7.78
CA THR B 382 2.70 -2.99 -8.73
C THR B 382 1.17 -2.92 -8.88
N ASP B 383 0.67 -2.97 -10.11
CA ASP B 383 -0.76 -3.18 -10.33
C ASP B 383 -0.94 -4.67 -10.43
N TRP B 384 -1.57 -5.27 -9.42
CA TRP B 384 -1.66 -6.73 -9.36
C TRP B 384 -2.66 -7.35 -10.32
N LEU B 385 -3.37 -6.51 -11.07
CA LEU B 385 -4.19 -6.99 -12.18
C LEU B 385 -3.40 -6.98 -13.49
N HIS B 386 -2.28 -6.27 -13.50
CA HIS B 386 -1.40 -6.21 -14.66
C HIS B 386 0.05 -6.12 -14.20
N PRO B 387 0.53 -7.16 -13.50
CA PRO B 387 1.84 -7.05 -12.85
C PRO B 387 3.01 -6.98 -13.84
N GLU B 388 2.76 -7.34 -15.09
CA GLU B 388 3.88 -7.45 -16.04
C GLU B 388 3.76 -6.56 -17.26
N ASP B 389 2.78 -5.67 -17.28
CA ASP B 389 2.58 -4.79 -18.43
C ASP B 389 3.71 -3.77 -18.55
N PRO B 390 4.50 -3.84 -19.64
CA PRO B 390 5.68 -2.98 -19.81
C PRO B 390 5.41 -1.49 -19.67
N ALA B 391 4.39 -0.97 -20.34
CA ALA B 391 4.10 0.46 -20.25
C ALA B 391 3.78 0.90 -18.82
N ARG B 392 2.96 0.11 -18.13
CA ARG B 392 2.63 0.37 -16.72
C ARG B 392 3.87 0.32 -15.81
N LEU B 393 4.78 -0.61 -16.08
CA LEU B 393 6.02 -0.76 -15.32
C LEU B 393 6.95 0.44 -15.49
N ARG B 394 7.07 0.92 -16.73
CA ARG B 394 7.84 2.12 -17.04
C ARG B 394 7.32 3.31 -16.23
N GLU B 395 6.01 3.52 -16.29
CA GLU B 395 5.36 4.59 -15.55
C GLU B 395 5.52 4.41 -14.04
N ALA B 396 5.47 3.16 -13.58
CA ALA B 396 5.56 2.88 -12.16
C ALA B 396 6.95 3.20 -11.60
N LEU B 397 8.00 2.78 -12.30
CA LEU B 397 9.36 3.12 -11.89
C LEU B 397 9.60 4.63 -11.89
N SER B 398 9.03 5.32 -12.87
CA SER B 398 9.11 6.78 -12.93
C SER B 398 8.50 7.40 -11.67
N ASP B 399 7.33 6.91 -11.29
CA ASP B 399 6.62 7.37 -10.10
C ASP B 399 7.38 7.04 -8.82
N VAL B 400 8.00 5.87 -8.76
CA VAL B 400 8.82 5.51 -7.62
C VAL B 400 9.93 6.55 -7.39
N VAL B 401 10.69 6.84 -8.44
CA VAL B 401 11.83 7.75 -8.34
C VAL B 401 11.36 9.20 -8.07
N GLY B 402 10.35 9.64 -8.80
CA GLY B 402 9.78 10.95 -8.60
C GLY B 402 9.16 11.17 -7.23
N ASP B 403 8.39 10.18 -6.75
CA ASP B 403 7.71 10.29 -5.44
C ASP B 403 8.70 10.30 -4.30
N HIS B 404 9.57 9.29 -4.31
CA HIS B 404 10.59 9.12 -3.30
C HIS B 404 11.54 10.33 -3.19
N ASN B 405 11.96 10.86 -4.33
CA ASN B 405 12.98 11.93 -4.32
C ASN B 405 12.41 13.36 -4.28
N VAL B 406 11.27 13.60 -4.91
CA VAL B 406 10.73 14.95 -5.07
C VAL B 406 9.33 15.19 -4.49
N VAL B 407 8.31 14.55 -5.08
CA VAL B 407 6.92 14.86 -4.71
C VAL B 407 6.65 14.67 -3.22
N CYS B 408 7.01 13.51 -2.67
CA CYS B 408 6.74 13.25 -1.27
C CYS B 408 7.55 14.12 -0.28
N PRO B 409 8.87 14.32 -0.54
CA PRO B 409 9.57 15.30 0.31
C PRO B 409 8.96 16.71 0.26
N VAL B 410 8.58 17.18 -0.92
CA VAL B 410 7.90 18.47 -1.06
C VAL B 410 6.54 18.51 -0.33
N ALA B 411 5.74 17.45 -0.49
CA ALA B 411 4.44 17.37 0.18
C ALA B 411 4.59 17.38 1.71
N GLN B 412 5.55 16.62 2.22
CA GLN B 412 5.82 16.63 3.65
C GLN B 412 6.20 18.02 4.15
N LEU B 413 7.08 18.69 3.40
CA LEU B 413 7.49 20.05 3.74
C LEU B 413 6.30 20.99 3.72
N ALA B 414 5.55 20.96 2.63
CA ALA B 414 4.40 21.84 2.47
C ALA B 414 3.38 21.66 3.61
N GLY B 415 3.09 20.41 3.94
CA GLY B 415 2.14 20.10 5.00
C GLY B 415 2.60 20.57 6.36
N ARG B 416 3.86 20.32 6.69
CA ARG B 416 4.40 20.75 7.97
C ARG B 416 4.45 22.28 8.10
N LEU B 417 4.84 22.95 7.01
CA LEU B 417 4.93 24.41 7.04
C LEU B 417 3.56 25.05 7.24
N ALA B 418 2.56 24.54 6.52
CA ALA B 418 1.20 25.08 6.64
C ALA B 418 0.65 24.90 8.05
N ALA B 419 0.81 23.70 8.59
CA ALA B 419 0.32 23.37 9.93
C ALA B 419 1.07 24.13 11.03
N GLN B 420 2.20 24.74 10.71
CA GLN B 420 3.01 25.38 11.74
C GLN B 420 3.19 26.87 11.51
N GLY B 421 2.25 27.48 10.79
CA GLY B 421 2.22 28.93 10.72
C GLY B 421 2.39 29.62 9.37
N ALA B 422 2.86 28.89 8.36
CA ALA B 422 3.19 29.55 7.09
C ALA B 422 2.03 29.52 6.12
N ARG B 423 1.90 30.56 5.31
CA ARG B 423 0.97 30.49 4.20
C ARG B 423 1.71 29.83 3.03
N VAL B 424 1.16 28.71 2.55
CA VAL B 424 1.80 27.90 1.52
C VAL B 424 0.95 27.85 0.27
N TYR B 425 1.56 27.99 -0.90
CA TYR B 425 0.87 27.80 -2.18
C TYR B 425 1.56 26.69 -2.95
N ALA B 426 0.77 25.79 -3.53
CA ALA B 426 1.35 24.62 -4.19
C ALA B 426 0.85 24.45 -5.62
N TYR B 427 1.70 23.91 -6.49
CA TYR B 427 1.37 23.79 -7.89
C TYR B 427 1.88 22.48 -8.44
N VAL B 428 1.31 22.06 -9.57
CA VAL B 428 1.89 21.02 -10.38
C VAL B 428 1.98 21.56 -11.79
N PHE B 429 3.16 21.46 -12.39
CA PHE B 429 3.40 22.04 -13.70
C PHE B 429 3.20 20.95 -14.73
N GLU B 430 2.29 21.18 -15.67
CA GLU B 430 1.80 20.08 -16.51
C GLU B 430 1.94 20.34 -18.00
N HIS B 431 2.59 21.45 -18.35
CA HIS B 431 2.81 21.74 -19.76
C HIS B 431 4.11 21.15 -20.27
N ARG B 432 4.03 20.40 -21.37
CA ARG B 432 5.22 19.89 -22.03
C ARG B 432 5.59 20.82 -23.18
N ALA B 433 6.73 21.49 -23.05
CA ALA B 433 7.18 22.48 -24.02
C ALA B 433 7.21 21.92 -25.45
N SER B 434 6.72 22.72 -26.39
CA SER B 434 6.70 22.32 -27.80
C SER B 434 8.11 22.01 -28.32
N THR B 435 9.11 22.62 -27.68
CA THR B 435 10.50 22.49 -28.12
C THR B 435 11.27 21.40 -27.39
N LEU B 436 10.59 20.68 -26.50
CA LEU B 436 11.25 19.65 -25.70
C LEU B 436 11.93 18.61 -26.59
N SER B 437 13.20 18.32 -26.31
CA SER B 437 13.97 17.39 -27.11
C SER B 437 13.98 15.97 -26.52
N TRP B 438 13.55 15.84 -25.28
CA TRP B 438 13.41 14.52 -24.65
C TRP B 438 12.22 13.77 -25.24
N PRO B 439 12.29 12.43 -25.28
CA PRO B 439 11.23 11.61 -25.89
C PRO B 439 9.88 11.78 -25.21
N LEU B 440 8.82 11.43 -25.93
CA LEU B 440 7.46 11.68 -25.47
C LEU B 440 7.12 10.90 -24.19
N TRP B 441 7.67 9.69 -24.04
CA TRP B 441 7.36 8.89 -22.86
C TRP B 441 7.75 9.54 -21.53
N MET B 442 8.71 10.48 -21.57
CA MET B 442 9.16 11.17 -20.36
C MET B 442 8.19 12.23 -19.84
N GLY B 443 7.14 12.51 -20.61
CA GLY B 443 6.15 13.49 -20.20
C GLY B 443 6.75 14.87 -19.96
N VAL B 444 6.45 15.45 -18.79
CA VAL B 444 7.04 16.74 -18.40
C VAL B 444 8.13 16.53 -17.37
N PRO B 445 9.40 16.45 -17.82
CA PRO B 445 10.47 16.01 -16.92
C PRO B 445 10.94 17.06 -15.93
N HIS B 446 11.68 16.59 -14.94
CA HIS B 446 12.35 17.41 -13.94
C HIS B 446 13.10 18.55 -14.64
N GLY B 447 12.92 19.77 -14.16
CA GLY B 447 13.66 20.90 -14.68
C GLY B 447 13.03 21.66 -15.84
N TYR B 448 11.89 21.20 -16.34
CA TYR B 448 11.36 21.82 -17.56
C TYR B 448 10.26 22.86 -17.39
N GLU B 449 10.03 23.27 -16.15
CA GLU B 449 9.21 24.44 -15.87
C GLU B 449 10.08 25.70 -15.84
N ILE B 450 11.38 25.53 -15.61
CA ILE B 450 12.27 26.67 -15.39
C ILE B 450 12.23 27.67 -16.55
N GLU B 451 12.34 27.16 -17.77
CA GLU B 451 12.35 28.02 -18.94
C GLU B 451 11.11 28.92 -19.06
N PHE B 452 9.96 28.44 -18.57
CA PHE B 452 8.74 29.23 -18.57
C PHE B 452 8.73 30.27 -17.46
N ILE B 453 9.23 29.91 -16.29
CA ILE B 453 9.35 30.85 -15.17
C ILE B 453 10.25 32.04 -15.51
N PHE B 454 11.32 31.77 -16.27
CA PHE B 454 12.27 32.83 -16.62
C PHE B 454 11.85 33.57 -17.89
N GLY B 455 10.79 33.10 -18.54
CA GLY B 455 10.25 33.79 -19.69
C GLY B 455 11.04 33.56 -20.97
N ILE B 456 11.84 32.51 -20.98
CA ILE B 456 12.60 32.11 -22.17
C ILE B 456 11.79 32.07 -23.49
N PRO B 457 10.50 31.66 -23.46
CA PRO B 457 9.76 31.71 -24.74
C PRO B 457 9.63 33.11 -25.38
N LEU B 458 9.82 34.19 -24.61
CA LEU B 458 9.82 35.52 -25.20
C LEU B 458 11.05 35.80 -26.09
N ASP B 459 12.05 34.93 -26.01
CA ASP B 459 13.26 35.07 -26.81
C ASP B 459 12.96 34.81 -28.29
N PRO B 460 13.12 35.83 -29.14
CA PRO B 460 12.77 35.78 -30.56
C PRO B 460 13.48 34.65 -31.31
N SER B 461 14.77 34.46 -31.02
CA SER B 461 15.58 33.44 -31.67
C SER B 461 15.10 32.02 -31.40
N ARG B 462 14.19 31.88 -30.45
CA ARG B 462 13.65 30.56 -30.13
C ARG B 462 12.27 30.39 -30.75
N ASN B 463 11.81 29.14 -30.81
CA ASN B 463 10.63 28.81 -31.60
C ASN B 463 9.44 28.32 -30.77
N TYR B 464 9.13 28.99 -29.68
CA TYR B 464 7.96 28.65 -28.87
C TYR B 464 6.69 29.13 -29.56
N THR B 465 5.57 28.46 -29.30
CA THR B 465 4.29 28.90 -29.85
C THR B 465 3.87 30.20 -29.18
N ALA B 466 2.90 30.89 -29.77
CA ALA B 466 2.37 32.11 -29.19
C ALA B 466 1.67 31.83 -27.86
N GLU B 467 1.03 30.68 -27.77
CA GLU B 467 0.32 30.27 -26.56
C GLU B 467 1.32 30.13 -25.41
N GLU B 468 2.46 29.51 -25.73
CA GLU B 468 3.52 29.35 -24.74
C GLU B 468 4.07 30.68 -24.26
N LYS B 469 4.06 31.69 -25.12
CA LYS B 469 4.52 33.02 -24.70
C LYS B 469 3.53 33.65 -23.73
N ILE B 470 2.24 33.40 -23.98
CA ILE B 470 1.18 33.85 -23.07
C ILE B 470 1.32 33.15 -21.73
N PHE B 471 1.47 31.82 -21.77
CA PHE B 471 1.70 30.99 -20.59
C PHE B 471 2.89 31.48 -19.75
N ALA B 472 4.02 31.71 -20.42
CA ALA B 472 5.21 32.20 -19.73
C ALA B 472 4.93 33.51 -19.00
N GLN B 473 4.22 34.41 -19.66
CA GLN B 473 3.87 35.68 -19.03
C GLN B 473 3.00 35.49 -17.79
N ARG B 474 2.07 34.52 -17.86
CA ARG B 474 1.24 34.17 -16.72
C ARG B 474 2.09 33.71 -15.54
N LEU B 475 2.96 32.73 -15.79
CA LEU B 475 3.82 32.22 -14.71
C LEU B 475 4.72 33.29 -14.10
N MET B 476 5.32 34.14 -14.95
CA MET B 476 6.19 35.20 -14.46
C MET B 476 5.40 36.12 -13.52
N ARG B 477 4.13 36.34 -13.88
CA ARG B 477 3.23 37.17 -13.09
C ARG B 477 2.95 36.57 -11.70
N TYR B 478 2.63 35.27 -11.66
CA TYR B 478 2.41 34.56 -10.39
C TYR B 478 3.65 34.66 -9.50
N TRP B 479 4.80 34.31 -10.08
CA TRP B 479 6.06 34.34 -9.34
C TRP B 479 6.34 35.74 -8.79
N ALA B 480 6.20 36.76 -9.63
CA ALA B 480 6.47 38.12 -9.18
C ALA B 480 5.42 38.63 -8.19
N ASN B 481 4.15 38.27 -8.42
CA ASN B 481 3.11 38.63 -7.45
C ASN B 481 3.42 38.07 -6.08
N PHE B 482 3.84 36.79 -6.06
CA PHE B 482 4.28 36.17 -4.82
C PHE B 482 5.48 36.89 -4.22
N ALA B 483 6.45 37.26 -5.06
CA ALA B 483 7.62 38.01 -4.58
C ALA B 483 7.17 39.32 -3.95
N ARG B 484 6.29 40.04 -4.65
CA ARG B 484 5.80 41.33 -4.14
C ARG B 484 4.91 41.21 -2.91
N THR B 485 3.88 40.36 -2.98
CA THR B 485 2.84 40.36 -1.93
C THR B 485 2.79 39.13 -1.03
N GLY B 486 3.50 38.06 -1.42
CA GLY B 486 3.46 36.82 -0.67
C GLY B 486 2.27 35.98 -1.14
N ASP B 487 1.70 36.38 -2.27
CA ASP B 487 0.47 35.81 -2.76
C ASP B 487 0.50 35.89 -4.28
N PRO B 488 0.48 34.73 -4.96
CA PRO B 488 0.57 34.71 -6.42
C PRO B 488 -0.67 35.23 -7.12
N ASN B 489 -1.78 35.39 -6.39
CA ASN B 489 -3.03 35.87 -6.98
C ASN B 489 -2.99 37.34 -7.36
N GLU B 490 -3.68 37.68 -8.45
CA GLU B 490 -3.72 39.05 -8.94
C GLU B 490 -4.39 40.04 -7.97
N PRO B 491 -3.58 40.92 -7.36
CA PRO B 491 -4.05 41.85 -6.34
C PRO B 491 -5.02 42.89 -6.90
N PRO B 494 -9.24 39.20 -10.38
CA PRO B 494 -10.62 39.65 -10.58
C PRO B 494 -11.60 38.48 -10.77
N LYS B 495 -12.00 38.23 -12.03
CA LYS B 495 -12.88 37.11 -12.37
C LYS B 495 -12.04 35.87 -12.66
N ALA B 496 -10.72 36.06 -12.72
CA ALA B 496 -9.76 34.98 -12.90
C ALA B 496 -9.82 33.99 -11.74
N PRO B 497 -9.72 32.69 -12.03
CA PRO B 497 -9.80 31.64 -11.01
C PRO B 497 -8.72 31.81 -9.94
N GLN B 498 -9.10 31.61 -8.68
CA GLN B 498 -8.19 31.89 -7.58
C GLN B 498 -7.32 30.69 -7.23
N TRP B 499 -6.09 30.99 -6.79
CA TRP B 499 -5.17 29.99 -6.32
C TRP B 499 -5.26 29.95 -4.80
N PRO B 500 -5.83 28.87 -4.24
CA PRO B 500 -6.01 28.79 -2.79
C PRO B 500 -4.78 28.27 -2.08
N PRO B 501 -4.58 28.66 -0.83
CA PRO B 501 -3.51 28.10 0.00
C PRO B 501 -3.57 26.59 0.12
N TYR B 502 -2.39 25.98 0.25
CA TYR B 502 -2.28 24.56 0.53
C TYR B 502 -2.25 24.40 2.06
N THR B 503 -3.02 23.44 2.56
CA THR B 503 -3.03 23.11 3.99
C THR B 503 -2.97 21.60 4.18
N ALA B 504 -2.62 21.16 5.39
CA ALA B 504 -2.51 19.73 5.68
C ALA B 504 -3.81 18.97 5.44
N GLY B 505 -4.94 19.61 5.70
CA GLY B 505 -6.24 18.97 5.51
C GLY B 505 -6.74 18.92 4.09
N ALA B 506 -7.11 20.06 3.53
CA ALA B 506 -7.66 20.09 2.17
C ALA B 506 -6.59 19.80 1.10
N GLN B 507 -5.33 20.15 1.39
CA GLN B 507 -4.21 19.85 0.50
C GLN B 507 -4.45 20.32 -0.94
N GLN B 508 -4.95 21.54 -1.11
CA GLN B 508 -5.28 22.03 -2.44
C GLN B 508 -4.06 22.60 -3.18
N TYR B 509 -3.99 22.36 -4.48
CA TYR B 509 -2.92 22.91 -5.34
C TYR B 509 -3.50 23.21 -6.73
N VAL B 510 -2.78 23.98 -7.55
CA VAL B 510 -3.25 24.27 -8.90
C VAL B 510 -2.44 23.60 -10.01
N SER B 511 -3.11 23.27 -11.11
CA SER B 511 -2.43 22.79 -12.30
C SER B 511 -1.94 24.00 -13.11
N LEU B 512 -0.65 24.03 -13.43
CA LEU B 512 -0.12 25.09 -14.27
C LEU B 512 0.06 24.55 -15.67
N ASP B 513 -0.78 25.03 -16.60
CA ASP B 513 -0.65 24.69 -18.01
C ASP B 513 -1.33 25.74 -18.88
N LEU B 514 -1.54 25.40 -20.16
CA LEU B 514 -2.13 26.35 -21.11
C LEU B 514 -3.59 26.73 -20.77
N ARG B 515 -4.33 25.80 -20.16
CA ARG B 515 -5.70 26.07 -19.70
C ARG B 515 -5.62 26.90 -18.42
N PRO B 516 -6.75 27.52 -18.01
CA PRO B 516 -6.73 28.30 -16.76
C PRO B 516 -6.48 27.42 -15.53
N LEU B 517 -6.21 28.05 -14.38
CA LEU B 517 -6.01 27.33 -13.12
C LEU B 517 -7.14 26.37 -12.81
N GLU B 518 -6.78 25.11 -12.55
CA GLU B 518 -7.72 24.13 -12.02
C GLU B 518 -7.24 23.71 -10.63
N VAL B 519 -8.14 23.79 -9.65
CA VAL B 519 -7.81 23.40 -8.28
C VAL B 519 -7.96 21.89 -8.10
N ARG B 520 -7.02 21.26 -7.41
CA ARG B 520 -7.09 19.83 -7.12
C ARG B 520 -6.67 19.54 -5.70
N ARG B 521 -6.80 18.29 -5.27
CA ARG B 521 -6.47 17.92 -3.89
C ARG B 521 -5.44 16.80 -3.84
N GLY B 522 -4.48 16.92 -2.94
CA GLY B 522 -3.55 15.86 -2.65
C GLY B 522 -2.37 15.79 -3.61
N LEU B 523 -1.17 16.01 -3.07
CA LEU B 523 0.05 15.81 -3.83
C LEU B 523 0.45 14.34 -3.77
N ARG B 524 -0.10 13.53 -4.67
N ARG B 524 -0.11 13.55 -4.68
CA ARG B 524 0.12 12.08 -4.66
CA ARG B 524 0.03 12.09 -4.69
C ARG B 524 -0.13 11.52 -3.26
C ARG B 524 -0.13 11.52 -3.28
N ALA B 525 -1.26 11.87 -2.66
CA ALA B 525 -1.54 11.55 -1.26
C ALA B 525 -1.40 10.08 -0.85
N GLN B 526 -1.96 9.16 -1.64
CA GLN B 526 -1.86 7.74 -1.31
C GLN B 526 -0.41 7.30 -1.33
N ALA B 527 0.29 7.67 -2.40
CA ALA B 527 1.71 7.32 -2.54
C ALA B 527 2.53 7.94 -1.41
N CYS B 528 2.29 9.21 -1.13
CA CYS B 528 3.13 9.90 -0.16
C CYS B 528 2.92 9.48 1.29
N ALA B 529 1.77 8.86 1.59
CA ALA B 529 1.54 8.33 2.92
C ALA B 529 2.49 7.15 3.13
N PHE B 530 2.74 6.39 2.08
CA PHE B 530 3.69 5.30 2.17
C PHE B 530 5.10 5.85 2.48
N TRP B 531 5.58 6.81 1.69
CA TRP B 531 6.95 7.32 1.89
C TRP B 531 7.12 8.13 3.17
N ASN B 532 6.12 8.95 3.50
CA ASN B 532 6.24 9.86 4.63
C ASN B 532 5.76 9.31 5.98
N ARG B 533 4.77 8.42 5.96
CA ARG B 533 4.25 7.91 7.22
C ARG B 533 4.71 6.49 7.53
N PHE B 534 4.60 5.59 6.56
CA PHE B 534 4.91 4.20 6.84
C PHE B 534 6.37 3.80 6.72
N LEU B 535 6.96 4.00 5.54
CA LEU B 535 8.33 3.56 5.28
C LEU B 535 9.34 3.89 6.39
N PRO B 536 9.29 5.12 6.94
CA PRO B 536 10.23 5.40 8.03
C PRO B 536 10.05 4.47 9.25
N LYS B 537 8.81 4.10 9.58
CA LYS B 537 8.56 3.20 10.71
C LYS B 537 9.15 1.83 10.44
N LEU B 538 9.16 1.45 9.16
CA LEU B 538 9.72 0.18 8.75
C LEU B 538 11.24 0.19 8.84
N LEU B 539 11.87 1.32 8.47
CA LEU B 539 13.33 1.43 8.54
C LEU B 539 13.85 1.38 9.98
N SER B 540 13.15 2.02 10.91
CA SER B 540 13.47 1.92 12.34
C SER B 540 13.39 0.47 12.82
N ALA B 541 12.21 -0.12 12.67
CA ALA B 541 11.97 -1.50 13.11
C ALA B 541 12.37 -2.53 12.04
C1 NAG C . -23.98 2.95 17.84
C2 NAG C . -23.38 4.26 18.41
C3 NAG C . -22.18 4.06 19.34
C4 NAG C . -22.35 2.88 20.29
C5 NAG C . -22.86 1.67 19.51
C6 NAG C . -23.09 0.45 20.41
C7 NAG C . -23.74 6.12 16.90
C8 NAG C . -24.44 6.90 17.98
N2 NAG C . -22.97 5.12 17.32
O3 NAG C . -21.98 5.23 20.09
O4 NAG C . -21.10 2.61 20.90
O5 NAG C . -24.08 2.02 18.89
O6 NAG C . -23.65 0.87 21.62
O7 NAG C . -23.89 6.40 15.71
C1 NAG C . -21.18 2.65 22.40
C2 NAG C . -19.93 1.97 22.97
C3 NAG C . -19.76 2.13 24.48
C4 NAG C . -20.13 3.54 24.96
C5 NAG C . -21.48 3.93 24.35
C6 NAG C . -21.96 5.30 24.86
C7 NAG C . -19.17 0.11 21.62
C8 NAG C . -19.64 -1.08 20.84
N2 NAG C . -19.96 0.57 22.59
O3 NAG C . -18.41 1.88 24.83
O4 NAG C . -20.18 3.59 26.37
O5 NAG C . -21.38 3.95 22.94
O6 NAG C . -23.26 5.53 24.36
O7 NAG C . -18.08 0.65 21.37
C1 FUC C . -24.87 0.13 21.96
C2 FUC C . -25.33 0.64 23.32
C3 FUC C . -25.91 2.05 23.17
C4 FUC C . -27.13 1.95 22.22
C5 FUC C . -26.61 1.49 20.86
C6 FUC C . -27.70 1.32 19.79
O2 FUC C . -24.27 0.65 24.27
O3 FUC C . -26.36 2.58 24.43
O4 FUC C . -28.06 1.01 22.74
O5 FUC C . -25.90 0.22 20.97
C1 NAG D . 16.47 0.58 -25.07
C2 NAG D . 16.46 -0.94 -25.27
C3 NAG D . 17.21 -1.70 -24.18
C4 NAG D . 18.62 -1.14 -23.98
C5 NAG D . 18.50 0.37 -23.75
C6 NAG D . 19.88 1.03 -23.65
C7 NAG D . 14.63 -2.01 -26.47
C8 NAG D . 15.47 -1.94 -27.71
N2 NAG D . 15.10 -1.43 -25.37
O3 NAG D . 17.27 -3.07 -24.50
O4 NAG D . 19.22 -1.81 -22.88
O5 NAG D . 17.78 1.02 -24.79
O6 NAG D . 20.70 0.54 -24.68
O7 NAG D . 13.53 -2.58 -26.50
C1 NAG D . 20.61 -2.36 -23.16
C2 NAG D . 21.42 -2.35 -21.86
C3 NAG D . 22.87 -2.79 -22.10
C4 NAG D . 22.89 -4.13 -22.82
C5 NAG D . 21.97 -4.14 -24.03
C6 NAG D . 21.86 -5.55 -24.59
C7 NAG D . 20.57 -0.83 -20.17
C8 NAG D . 20.71 0.48 -19.47
N2 NAG D . 21.36 -1.04 -21.22
O3 NAG D . 23.53 -2.92 -20.86
O4 NAG D . 24.21 -4.45 -23.19
O5 NAG D . 20.65 -3.66 -23.73
O6 NAG D . 20.80 -5.61 -25.52
O7 NAG D . 19.75 -1.67 -19.78
C1 FUC D . 21.25 1.63 -25.47
C2 FUC D . 22.31 1.05 -26.40
C3 FUC D . 21.67 0.24 -27.54
C4 FUC D . 20.65 1.11 -28.30
C5 FUC D . 19.64 1.72 -27.31
C6 FUC D . 18.72 2.76 -27.94
O2 FUC D . 23.23 0.25 -25.69
O3 FUC D . 22.66 -0.19 -28.48
O4 FUC D . 21.32 2.15 -29.01
O5 FUC D . 20.28 2.38 -26.18
C1 HUP E . -23.41 -22.06 11.56
O1 HUP E . -23.69 -23.21 11.19
N1 HUP E . -22.93 -21.13 10.60
C2 HUP E . -23.55 -21.54 12.90
C3 HUP E . -23.23 -20.26 13.21
C4 HUP E . -22.76 -19.36 12.21
C5 HUP E . -22.62 -19.82 10.92
C6 HUP E . -22.15 -18.98 9.78
C7 HUP E . -21.59 -17.63 10.26
C8 HUP E . -20.22 -17.79 10.80
C9 HUP E . -23.29 -15.23 10.00
C10 HUP E . -23.44 -16.20 11.11
C11 HUP E . -22.49 -17.09 11.35
C12 HUP E . -22.43 -17.93 12.61
N2 HUP E . -23.38 -17.45 13.61
C13 HUP E . -20.99 -17.91 13.17
C14 HUP E . -19.97 -17.90 12.09
C15 HUP E . -18.54 -18.03 12.52
S DMS F . -17.82 -13.74 16.42
O DMS F . -16.61 -13.22 15.71
C1 DMS F . -19.16 -14.12 15.26
C2 DMS F . -17.52 -15.41 17.04
C1 EDO G . -11.25 5.12 5.16
O1 EDO G . -10.52 4.39 4.17
C2 EDO G . -10.39 6.21 5.79
O2 EDO G . -9.87 7.10 4.81
C1 EDO H . -3.27 -10.90 -6.69
O1 EDO H . -2.39 -11.75 -7.45
C2 EDO H . -2.53 -10.40 -5.45
O2 EDO H . -1.86 -11.48 -4.79
C1 NAG I . 48.43 17.06 11.57
C2 NAG I . 48.53 17.53 13.03
C3 NAG I . 49.08 18.95 13.13
C4 NAG I . 50.40 19.05 12.38
C5 NAG I . 50.16 18.64 10.93
C6 NAG I . 51.40 18.84 10.03
C7 NAG I . 46.90 16.37 14.44
C8 NAG I . 45.59 16.47 15.18
N2 NAG I . 47.23 17.41 13.68
O3 NAG I . 49.26 19.33 14.48
O4 NAG I . 50.94 20.36 12.45
O5 NAG I . 49.66 17.30 10.87
O6 NAG I . 52.58 18.90 10.81
O7 NAG I . 47.60 15.36 14.57
C1 HUP J . 21.46 22.75 -13.26
O1 HUP J . 21.66 23.92 -12.93
N1 HUP J . 20.16 22.18 -13.06
C2 HUP J . 22.44 21.84 -13.84
C3 HUP J . 22.12 20.57 -14.16
C4 HUP J . 20.80 20.05 -13.95
C5 HUP J . 19.84 20.88 -13.40
C6 HUP J . 18.43 20.48 -13.12
C7 HUP J . 18.23 18.97 -13.28
C8 HUP J . 18.74 18.26 -12.10
C9 HUP J . 16.94 17.98 -15.75
C10 HUP J . 18.39 18.32 -15.67
C11 HUP J . 18.99 18.52 -14.50
C12 HUP J . 20.50 18.62 -14.34
N2 HUP J . 21.21 18.24 -15.58
C13 HUP J . 20.95 17.70 -13.14
C14 HUP J . 19.94 17.69 -12.04
C15 HUP J . 20.31 17.00 -10.79
S DMS K . 21.68 11.72 -12.47
O DMS K . 21.15 11.11 -11.22
C1 DMS K . 21.02 13.40 -12.71
C2 DMS K . 23.43 12.11 -12.26
C1 EDO L . 2.87 -3.02 -13.06
O1 EDO L . 1.92 -3.64 -12.19
C2 EDO L . 2.71 -1.51 -13.05
O2 EDO L . 2.66 -1.01 -11.71
N NO3 M . 32.63 12.12 11.19
O1 NO3 M . 31.84 12.77 12.15
O2 NO3 M . 32.36 10.80 10.82
O3 NO3 M . 33.70 12.79 10.59
N NO3 N . -0.78 12.35 3.21
O1 NO3 N . 0.26 11.70 3.90
O2 NO3 N . -0.94 12.09 1.84
O3 NO3 N . -1.66 13.25 3.83
#